data_8WI4
#
_entry.id   8WI4
#
_cell.length_a   1.00
_cell.length_b   1.00
_cell.length_c   1.00
_cell.angle_alpha   90.00
_cell.angle_beta   90.00
_cell.angle_gamma   90.00
#
_symmetry.space_group_name_H-M   'P 1'
#
_entity_poly.entity_id   1
_entity_poly.type   'polypeptide(L)'
_entity_poly.pdbx_seq_one_letter_code
;MKDIDIGKEYIIPSPGYRSVRERTSTSGTHRDREDSKFRRTRPLECQDALETAARAEGLSLDASMHSQLRILDEEHPKGK
YHHGLSALKPIRTTSKHQHPVDNAGLFSCMTFSWLSSLARVAHKKGELSMEDVWSLSKHESSDVNCRRLERLWQEELNEV
GPDAASLRRVVWIFCRTRLILSIVCLMITQLAGFSGPAFMVKHLLEYTQATESNLQYSLLLVLGLLLTEIVRSWSLALTA
ALNYRTGVRLRGAILTMAFKKILKLKNIKEKSLGELINICSNDGQRMAEAAAVGSLLAGGPVVAILGMIYNVIILGPTGF
LGSAVFILFYPAMMFASRLTAYFRRKCVAATDERVQKMNEVLTYIKFIKMYAWVKAFSQSVQKIREEERRILEKAGYFQS
ITVGVAPIVVVIASVVTFSVHMTLGFDLTAAQAFTVVTVFNSMTFALKVTPASVKSLSEASVAVDRFKSLFLMEEVHMIK
NKPASPHIKIEMKNATLAWDSSHSSIQNSPKLTPKMKKDKRASRGKKEKVRQLQRTEHQAVLAEQKGHLLLDSDERPSPE
EEEGKHIHLGHLRLQRTLHSIDLEIQEGKLVGICGSVGSGKTSLISAILGQMTLLEGSIAISGTFAYVAQQAWILNATLR
DNILFGKEYDEERYNSVLNSCCLRPDLAILPSSDLTEIGERGANLSGGQRQRISLARALYSDRSIYILDDPLSALDAHVG
NHIFNSAIRKHLKSKTVLFVTHQLQYLVDCDEVIFMKEGCITERGTHEELMNLNGDYATIFNNLLLGETPPVEINSKKET
SGSQKKSQDKGPKTGSVKKEKAVKPEEGQLVQLEEKGQGSVPWSVYGVYIQAAGGPLAFLVIMALFMLNVGSTAFSTWWL
SYWIKQGSGNTTVTRGNETSVSDSMKDNPHMQYYASIYALSMAVMLILKAIRGVVFVKGTLRASSRLHDELFRRILRSPM
KFFDTTPTGRILNRFSKDMDEVDVRLPAQAEMFIQNVILVFFCVGMIAGVFPWFLVAVGPLVILFSVLHIVSRVLIRELK
RLDNITQSPFLSHITSSIQGLATIHAYNKGQEFLHRYQELLDDNQAPFFLATCAMRWLAVRLDLISIALITTTGLMIVLM
HGQIPPAYAGLAISYAVQLTGLFQATVRLASETEARFTSVERINHYIKTLSLEAPARIKNKAPSPDWPQEGEVTFENAEM
RYRENLPLVLKKVSFTIKPKEKIGIVGRTGSGKSSLGMALFRLVELSGGCIKIDGVRISDIGLADLRSKLSIIPQEPVLF
SGTVRSNLDPFNQYTEDQIWDALERTHMKECIAQLPLKLESEVMENGDNFSVGERQLLCIARALLRHCKILILDEATAAM
DTETDLLIQETIREAFADCTMLTIAHRLHTVLGSDRIMVLAQGQVVEFDTPSVLLSNDSSRFYAMFAAAENKVAVKG
;
_entity_poly.pdbx_strand_id   A
#
# COMPACT_ATOMS: atom_id res chain seq x y z
N SER A 95 -30.88 19.12 23.33
CA SER A 95 -30.00 17.96 23.19
C SER A 95 -30.68 16.85 22.39
N LYS A 96 -29.90 16.17 21.54
CA LYS A 96 -30.41 15.09 20.73
C LYS A 96 -29.70 13.76 20.94
N HIS A 97 -28.44 13.77 21.35
CA HIS A 97 -27.67 12.54 21.55
C HIS A 97 -26.52 12.83 22.50
N GLN A 98 -25.91 11.76 23.00
CA GLN A 98 -24.77 11.90 23.90
C GLN A 98 -23.57 12.53 23.21
N HIS A 99 -23.50 12.46 21.89
CA HIS A 99 -22.41 13.10 21.16
C HIS A 99 -22.50 14.62 21.31
N PRO A 100 -21.40 15.30 21.65
CA PRO A 100 -21.45 16.77 21.73
C PRO A 100 -21.79 17.44 20.41
N VAL A 101 -21.61 16.76 19.28
CA VAL A 101 -21.96 17.33 17.99
C VAL A 101 -23.46 17.63 17.93
N ASP A 102 -24.28 16.68 18.37
CA ASP A 102 -25.72 16.89 18.39
C ASP A 102 -26.12 17.95 19.41
N ASN A 103 -25.44 17.96 20.57
CA ASN A 103 -25.75 18.95 21.60
C ASN A 103 -25.37 20.37 21.17
N ALA A 104 -24.44 20.51 20.24
CA ALA A 104 -24.04 21.84 19.77
C ALA A 104 -25.17 22.48 18.98
N GLY A 105 -25.29 23.80 19.12
CA GLY A 105 -26.32 24.54 18.44
C GLY A 105 -25.86 25.07 17.09
N LEU A 106 -25.86 26.39 16.94
CA LEU A 106 -25.42 27.03 15.69
C LEU A 106 -24.02 27.61 15.80
N PHE A 107 -23.78 28.46 16.79
CA PHE A 107 -22.46 29.06 16.97
C PHE A 107 -21.40 28.00 17.30
N SER A 108 -21.76 27.06 18.19
CA SER A 108 -20.80 26.02 18.57
C SER A 108 -20.42 25.14 17.39
N CYS A 109 -21.41 24.75 16.58
CA CYS A 109 -21.11 23.97 15.39
C CYS A 109 -20.32 24.77 14.35
N MET A 110 -20.66 26.05 14.19
CA MET A 110 -19.97 26.89 13.22
C MET A 110 -18.50 27.08 13.59
N THR A 111 -18.22 27.32 14.87
CA THR A 111 -16.87 27.56 15.34
C THR A 111 -16.17 26.31 15.86
N PHE A 112 -16.82 25.14 15.76
CA PHE A 112 -16.26 23.87 16.23
C PHE A 112 -15.89 23.96 17.72
N SER A 113 -16.75 24.61 18.51
CA SER A 113 -16.48 24.77 19.92
C SER A 113 -16.60 23.46 20.69
N TRP A 114 -17.30 22.46 20.14
CA TRP A 114 -17.45 21.19 20.84
C TRP A 114 -16.14 20.41 20.92
N LEU A 115 -15.24 20.59 19.96
CA LEU A 115 -13.97 19.87 19.97
C LEU A 115 -13.02 20.38 21.05
N SER A 116 -13.25 21.58 21.58
CA SER A 116 -12.42 22.11 22.66
C SER A 116 -12.95 21.65 24.02
N SER A 117 -13.21 20.34 24.11
CA SER A 117 -13.48 19.67 25.37
C SER A 117 -12.63 18.41 25.38
N LEU A 118 -12.31 17.92 24.18
CA LEU A 118 -11.34 16.84 23.99
C LEU A 118 -9.97 17.37 23.63
N ALA A 119 -9.88 18.56 23.01
CA ALA A 119 -8.58 19.12 22.67
C ALA A 119 -7.75 19.39 23.92
N ARG A 120 -8.38 19.95 24.96
CA ARG A 120 -7.67 20.23 26.20
C ARG A 120 -7.18 18.95 26.89
N VAL A 121 -8.01 17.91 26.94
CA VAL A 121 -7.57 16.67 27.59
C VAL A 121 -6.49 15.99 26.77
N ALA A 122 -6.55 16.11 25.43
CA ALA A 122 -5.48 15.57 24.60
C ALA A 122 -4.17 16.31 24.82
N HIS A 123 -4.23 17.65 24.95
CA HIS A 123 -3.03 18.42 25.23
C HIS A 123 -2.46 18.09 26.61
N LYS A 124 -3.33 17.95 27.61
CA LYS A 124 -2.85 17.70 28.97
C LYS A 124 -2.27 16.30 29.10
N LYS A 125 -2.98 15.28 28.62
CA LYS A 125 -2.52 13.91 28.74
C LYS A 125 -1.41 13.59 27.75
N GLY A 126 -1.47 14.17 26.54
CA GLY A 126 -0.50 13.88 25.51
C GLY A 126 -0.78 12.66 24.67
N GLU A 127 -1.87 11.95 24.95
CA GLU A 127 -2.22 10.75 24.19
C GLU A 127 -3.73 10.58 24.21
N LEU A 128 -4.32 10.29 23.06
CA LEU A 128 -5.75 10.09 22.92
C LEU A 128 -6.03 8.62 22.64
N SER A 129 -6.91 8.03 23.44
CA SER A 129 -7.28 6.63 23.31
C SER A 129 -8.70 6.51 22.78
N MET A 130 -9.09 5.26 22.49
CA MET A 130 -10.43 5.01 21.97
C MET A 130 -11.51 5.33 23.01
N GLU A 131 -11.18 5.22 24.30
CA GLU A 131 -12.16 5.53 25.34
C GLU A 131 -12.53 7.01 25.32
N ASP A 132 -11.55 7.89 25.12
CA ASP A 132 -11.83 9.32 25.07
C ASP A 132 -12.62 9.71 23.83
N VAL A 133 -12.57 8.89 22.78
CA VAL A 133 -13.29 9.19 21.55
C VAL A 133 -14.77 8.89 21.75
N TRP A 134 -15.60 9.89 21.46
CA TRP A 134 -17.05 9.72 21.61
C TRP A 134 -17.59 8.75 20.57
N SER A 135 -18.65 8.03 20.97
CA SER A 135 -19.27 7.07 20.07
C SER A 135 -20.03 7.79 18.95
N LEU A 136 -20.26 7.07 17.86
CA LEU A 136 -20.95 7.64 16.72
C LEU A 136 -22.41 7.94 17.06
N SER A 137 -22.92 9.01 16.44
CA SER A 137 -24.30 9.43 16.67
C SER A 137 -25.28 8.46 16.01
N LYS A 138 -26.50 8.44 16.54
CA LYS A 138 -27.54 7.61 15.94
C LYS A 138 -27.94 8.10 14.55
N HIS A 139 -27.86 9.40 14.31
CA HIS A 139 -28.13 9.92 12.97
C HIS A 139 -27.10 9.42 11.97
N GLU A 140 -25.83 9.34 12.37
CA GLU A 140 -24.77 8.83 11.52
C GLU A 140 -24.56 7.33 11.71
N SER A 141 -25.42 6.67 12.48
CA SER A 141 -25.29 5.24 12.71
C SER A 141 -25.50 4.47 11.41
N SER A 142 -24.85 3.31 11.33
CA SER A 142 -24.89 2.52 10.10
C SER A 142 -26.29 2.01 9.80
N ASP A 143 -27.05 1.64 10.83
CA ASP A 143 -28.32 0.95 10.62
C ASP A 143 -29.34 1.85 9.93
N VAL A 144 -29.55 3.06 10.45
CA VAL A 144 -30.61 3.92 9.92
C VAL A 144 -30.26 4.39 8.52
N ASN A 145 -29.03 4.84 8.32
CA ASN A 145 -28.60 5.28 7.00
C ASN A 145 -28.62 4.13 5.99
N CYS A 146 -28.21 2.94 6.40
CA CYS A 146 -28.26 1.78 5.51
C CYS A 146 -29.70 1.46 5.13
N ARG A 147 -30.63 1.51 6.10
CA ARG A 147 -32.02 1.25 5.79
C ARG A 147 -32.58 2.27 4.81
N ARG A 148 -32.25 3.55 5.01
CA ARG A 148 -32.72 4.59 4.10
C ARG A 148 -32.15 4.39 2.69
N LEU A 149 -30.85 4.07 2.60
CA LEU A 149 -30.23 3.86 1.31
C LEU A 149 -30.84 2.65 0.59
N GLU A 150 -31.09 1.57 1.34
CA GLU A 150 -31.72 0.40 0.75
C GLU A 150 -33.14 0.71 0.29
N ARG A 151 -33.90 1.48 1.06
CA ARG A 151 -35.24 1.87 0.66
C ARG A 151 -35.22 2.67 -0.63
N LEU A 152 -34.31 3.63 -0.73
CA LEU A 152 -34.20 4.43 -1.96
C LEU A 152 -33.78 3.56 -3.14
N TRP A 153 -32.84 2.64 -2.92
CA TRP A 153 -32.37 1.77 -4.00
C TRP A 153 -33.49 0.88 -4.51
N GLN A 154 -34.26 0.27 -3.60
CA GLN A 154 -35.38 -0.56 -4.01
C GLN A 154 -36.46 0.26 -4.71
N GLU A 155 -36.72 1.47 -4.22
CA GLU A 155 -37.72 2.32 -4.87
C GLU A 155 -37.32 2.65 -6.30
N GLU A 156 -36.05 3.03 -6.50
CA GLU A 156 -35.61 3.35 -7.86
C GLU A 156 -35.57 2.10 -8.75
N LEU A 157 -35.19 0.95 -8.19
CA LEU A 157 -35.21 -0.28 -8.97
C LEU A 157 -36.62 -0.64 -9.41
N ASN A 158 -37.60 -0.47 -8.52
CA ASN A 158 -38.98 -0.77 -8.87
C ASN A 158 -39.54 0.24 -9.87
N GLU A 159 -39.13 1.50 -9.75
CA GLU A 159 -39.67 2.53 -10.63
C GLU A 159 -39.06 2.47 -12.03
N VAL A 160 -37.74 2.61 -12.13
CA VAL A 160 -37.09 2.69 -13.43
C VAL A 160 -36.84 1.30 -13.98
N GLY A 161 -36.07 0.48 -13.27
CA GLY A 161 -35.75 -0.86 -13.72
C GLY A 161 -34.38 -1.31 -13.24
N PRO A 162 -34.20 -2.63 -13.15
CA PRO A 162 -32.90 -3.16 -12.69
C PRO A 162 -31.73 -2.75 -13.57
N ASP A 163 -31.93 -2.65 -14.88
CA ASP A 163 -30.84 -2.35 -15.80
C ASP A 163 -30.67 -0.87 -16.09
N ALA A 164 -31.75 -0.09 -16.10
CA ALA A 164 -31.68 1.32 -16.43
C ALA A 164 -31.52 2.22 -15.21
N ALA A 165 -31.40 1.65 -14.02
CA ALA A 165 -31.21 2.46 -12.82
C ALA A 165 -29.80 3.03 -12.77
N SER A 166 -29.63 4.04 -11.93
CA SER A 166 -28.34 4.71 -11.73
C SER A 166 -28.12 4.90 -10.24
N LEU A 167 -26.99 4.43 -9.73
CA LEU A 167 -26.66 4.62 -8.33
C LEU A 167 -26.30 6.07 -8.01
N ARG A 168 -25.88 6.84 -9.01
CA ARG A 168 -25.63 8.26 -8.79
C ARG A 168 -26.91 8.98 -8.38
N ARG A 169 -28.04 8.60 -8.99
CA ARG A 169 -29.32 9.17 -8.58
C ARG A 169 -29.64 8.79 -7.14
N VAL A 170 -29.34 7.55 -6.75
CA VAL A 170 -29.57 7.13 -5.36
C VAL A 170 -28.75 7.98 -4.41
N VAL A 171 -27.47 8.19 -4.73
CA VAL A 171 -26.61 9.00 -3.88
C VAL A 171 -27.11 10.44 -3.80
N TRP A 172 -27.53 11.01 -4.94
CA TRP A 172 -28.04 12.38 -4.95
C TRP A 172 -29.30 12.49 -4.10
N ILE A 173 -30.22 11.53 -4.22
CA ILE A 173 -31.43 11.57 -3.43
C ILE A 173 -31.10 11.44 -1.94
N PHE A 174 -30.16 10.56 -1.60
CA PHE A 174 -29.79 10.36 -0.20
C PHE A 174 -29.16 11.62 0.38
N CYS A 175 -28.31 12.31 -0.37
CA CYS A 175 -27.50 13.40 0.16
C CYS A 175 -28.06 14.78 -0.17
N ARG A 176 -29.22 14.87 -0.84
CA ARG A 176 -29.75 16.17 -1.21
C ARG A 176 -30.07 17.03 0.01
N THR A 177 -30.63 16.42 1.05
CA THR A 177 -31.05 17.19 2.23
C THR A 177 -29.88 17.90 2.87
N ARG A 178 -28.73 17.22 2.99
CA ARG A 178 -27.55 17.83 3.57
C ARG A 178 -26.67 18.55 2.55
N LEU A 179 -26.96 18.41 1.25
CA LEU A 179 -26.17 19.07 0.22
C LEU A 179 -26.74 20.40 -0.22
N ILE A 180 -28.07 20.57 -0.21
CA ILE A 180 -28.66 21.83 -0.63
C ILE A 180 -28.25 22.96 0.31
N LEU A 181 -28.35 22.72 1.62
CA LEU A 181 -27.97 23.73 2.59
C LEU A 181 -26.47 24.02 2.53
N SER A 182 -25.66 22.98 2.33
CA SER A 182 -24.22 23.18 2.19
C SER A 182 -23.90 24.02 0.95
N ILE A 183 -24.62 23.77 -0.16
CA ILE A 183 -24.41 24.56 -1.36
C ILE A 183 -24.81 26.00 -1.14
N VAL A 184 -25.91 26.23 -0.42
CA VAL A 184 -26.33 27.60 -0.11
C VAL A 184 -25.28 28.31 0.74
N CYS A 185 -24.76 27.60 1.75
CA CYS A 185 -23.73 28.18 2.61
C CYS A 185 -22.46 28.49 1.83
N LEU A 186 -22.07 27.60 0.92
CA LEU A 186 -20.93 27.87 0.05
C LEU A 186 -21.19 29.08 -0.85
N MET A 187 -22.40 29.19 -1.38
CA MET A 187 -22.77 30.35 -2.19
C MET A 187 -22.60 31.63 -1.41
N ILE A 188 -23.14 31.69 -0.19
CA ILE A 188 -23.05 32.92 0.58
C ILE A 188 -21.61 33.21 1.03
N THR A 189 -20.84 32.19 1.41
CA THR A 189 -19.47 32.44 1.83
C THR A 189 -18.58 32.88 0.67
N GLN A 190 -18.78 32.33 -0.53
CA GLN A 190 -18.01 32.78 -1.68
C GLN A 190 -18.47 34.13 -2.20
N LEU A 191 -19.76 34.46 -2.03
CA LEU A 191 -20.21 35.81 -2.32
C LEU A 191 -19.57 36.82 -1.38
N ALA A 192 -19.51 36.49 -0.08
CA ALA A 192 -18.88 37.41 0.88
C ALA A 192 -17.39 37.54 0.60
N GLY A 193 -16.69 36.42 0.34
CA GLY A 193 -15.27 36.46 0.08
C GLY A 193 -14.90 37.16 -1.21
N PHE A 194 -15.84 37.28 -2.15
CA PHE A 194 -15.64 38.05 -3.37
C PHE A 194 -16.01 39.51 -3.20
N SER A 195 -17.09 39.80 -2.47
CA SER A 195 -17.51 41.17 -2.26
C SER A 195 -16.63 41.92 -1.27
N GLY A 196 -15.87 41.21 -0.45
CA GLY A 196 -14.96 41.85 0.48
C GLY A 196 -13.91 42.69 -0.23
N PRO A 197 -12.98 42.04 -0.93
CA PRO A 197 -11.98 42.80 -1.69
C PRO A 197 -12.58 43.68 -2.77
N ALA A 198 -13.69 43.28 -3.38
CA ALA A 198 -14.25 44.04 -4.50
C ALA A 198 -14.85 45.36 -4.03
N PHE A 199 -15.51 45.36 -2.87
CA PHE A 199 -16.23 46.53 -2.40
C PHE A 199 -15.59 47.19 -1.19
N MET A 200 -15.34 46.45 -0.11
CA MET A 200 -14.78 47.03 1.10
C MET A 200 -13.38 47.60 0.88
N VAL A 201 -12.52 46.88 0.17
CA VAL A 201 -11.18 47.38 -0.12
C VAL A 201 -11.22 48.55 -1.09
N LYS A 202 -12.06 48.48 -2.12
CA LYS A 202 -12.15 49.56 -3.10
C LYS A 202 -12.63 50.85 -2.44
N HIS A 203 -13.69 50.76 -1.62
CA HIS A 203 -14.19 51.95 -0.95
C HIS A 203 -13.16 52.50 0.04
N LEU A 204 -12.46 51.63 0.75
CA LEU A 204 -11.45 52.08 1.69
C LEU A 204 -10.32 52.80 0.96
N LEU A 205 -9.88 52.27 -0.19
CA LEU A 205 -8.82 52.92 -0.94
C LEU A 205 -9.29 54.24 -1.56
N GLU A 206 -10.56 54.30 -1.98
CA GLU A 206 -11.11 55.56 -2.47
C GLU A 206 -11.16 56.60 -1.37
N TYR A 207 -11.52 56.19 -0.15
CA TYR A 207 -11.49 57.11 0.99
C TYR A 207 -10.06 57.55 1.29
N THR A 208 -9.10 56.65 1.13
CA THR A 208 -7.70 57.00 1.34
C THR A 208 -7.24 58.09 0.38
N GLN A 209 -7.62 57.96 -0.90
CA GLN A 209 -7.26 58.97 -1.89
C GLN A 209 -8.00 60.30 -1.70
N ALA A 210 -9.08 60.30 -0.92
CA ALA A 210 -9.83 61.53 -0.70
C ALA A 210 -9.03 62.53 0.13
N THR A 211 -9.20 63.81 -0.19
CA THR A 211 -8.49 64.87 0.51
C THR A 211 -9.02 65.10 1.92
N GLU A 212 -10.26 64.72 2.21
CA GLU A 212 -10.84 64.92 3.53
C GLU A 212 -10.34 63.84 4.49
N SER A 213 -10.85 63.84 5.72
CA SER A 213 -10.43 62.88 6.72
C SER A 213 -11.65 62.54 7.57
N ASN A 214 -12.29 61.42 7.27
CA ASN A 214 -13.47 60.96 7.99
C ASN A 214 -13.09 59.78 8.87
N LEU A 215 -13.42 59.89 10.16
CA LEU A 215 -13.11 58.84 11.12
C LEU A 215 -14.24 57.82 11.25
N GLN A 216 -15.48 58.30 11.37
CA GLN A 216 -16.62 57.39 11.50
C GLN A 216 -16.80 56.54 10.26
N TYR A 217 -16.64 57.14 9.07
CA TYR A 217 -16.79 56.39 7.83
C TYR A 217 -15.71 55.31 7.71
N SER A 218 -14.47 55.65 8.05
CA SER A 218 -13.40 54.66 8.00
C SER A 218 -13.63 53.54 9.00
N LEU A 219 -14.08 53.88 10.21
CA LEU A 219 -14.38 52.86 11.21
C LEU A 219 -15.50 51.95 10.75
N LEU A 220 -16.54 52.53 10.14
CA LEU A 220 -17.65 51.72 9.62
C LEU A 220 -17.18 50.79 8.51
N LEU A 221 -16.32 51.29 7.61
CA LEU A 221 -15.80 50.45 6.54
C LEU A 221 -14.96 49.31 7.09
N VAL A 222 -14.11 49.60 8.08
CA VAL A 222 -13.28 48.55 8.68
C VAL A 222 -14.15 47.51 9.37
N LEU A 223 -15.16 47.96 10.12
CA LEU A 223 -16.06 47.01 10.79
C LEU A 223 -16.82 46.17 9.79
N GLY A 224 -17.28 46.77 8.68
CA GLY A 224 -17.99 46.01 7.66
C GLY A 224 -17.10 44.97 7.01
N LEU A 225 -15.86 45.34 6.68
CA LEU A 225 -14.93 44.38 6.10
C LEU A 225 -14.64 43.24 7.06
N LEU A 226 -14.43 43.57 8.34
CA LEU A 226 -14.16 42.53 9.34
C LEU A 226 -15.35 41.59 9.48
N LEU A 227 -16.56 42.15 9.54
CA LEU A 227 -17.76 41.31 9.65
C LEU A 227 -17.94 40.43 8.42
N THR A 228 -17.71 40.99 7.23
CA THR A 228 -17.83 40.20 6.01
C THR A 228 -16.85 39.04 5.99
N GLU A 229 -15.59 39.30 6.35
CA GLU A 229 -14.61 38.22 6.36
C GLU A 229 -14.93 37.19 7.45
N ILE A 230 -15.40 37.65 8.62
CA ILE A 230 -15.74 36.73 9.69
C ILE A 230 -16.88 35.81 9.29
N VAL A 231 -17.94 36.37 8.70
CA VAL A 231 -19.07 35.55 8.27
C VAL A 231 -18.73 34.70 7.06
N ARG A 232 -17.76 35.10 6.24
CA ARG A 232 -17.27 34.23 5.18
C ARG A 232 -16.55 33.01 5.74
N SER A 233 -15.61 33.23 6.67
CA SER A 233 -14.88 32.12 7.26
C SER A 233 -15.81 31.20 8.04
N TRP A 234 -16.75 31.79 8.80
CA TRP A 234 -17.67 30.98 9.58
C TRP A 234 -18.62 30.20 8.69
N SER A 235 -19.09 30.81 7.60
CA SER A 235 -19.96 30.09 6.68
C SER A 235 -19.21 28.97 5.97
N LEU A 236 -17.94 29.19 5.63
CA LEU A 236 -17.13 28.12 5.05
C LEU A 236 -16.96 26.97 6.04
N ALA A 237 -16.70 27.29 7.30
CA ALA A 237 -16.60 26.24 8.31
C ALA A 237 -17.91 25.49 8.47
N LEU A 238 -19.04 26.21 8.45
CA LEU A 238 -20.34 25.58 8.58
C LEU A 238 -20.63 24.65 7.40
N THR A 239 -20.33 25.09 6.18
CA THR A 239 -20.59 24.24 5.03
C THR A 239 -19.61 23.08 4.93
N ALA A 240 -18.43 23.20 5.54
CA ALA A 240 -17.54 22.05 5.64
C ALA A 240 -18.06 21.04 6.66
N ALA A 241 -18.51 21.52 7.82
CA ALA A 241 -19.04 20.63 8.84
C ALA A 241 -20.33 19.96 8.38
N LEU A 242 -21.13 20.66 7.56
CA LEU A 242 -22.39 20.09 7.09
C LEU A 242 -22.15 18.89 6.19
N ASN A 243 -21.19 18.99 5.26
CA ASN A 243 -20.92 17.90 4.35
C ASN A 243 -20.01 16.82 4.94
N TYR A 244 -19.21 17.16 5.96
CA TYR A 244 -18.40 16.15 6.63
C TYR A 244 -19.23 15.06 7.27
N ARG A 245 -20.32 15.41 7.93
CA ARG A 245 -21.20 14.41 8.55
C ARG A 245 -21.94 13.58 7.51
N THR A 246 -22.44 14.19 6.44
CA THR A 246 -23.20 13.41 5.46
C THR A 246 -22.29 12.51 4.64
N GLY A 247 -21.03 12.91 4.40
CA GLY A 247 -20.09 11.99 3.78
C GLY A 247 -19.83 10.77 4.63
N VAL A 248 -19.64 10.98 5.94
CA VAL A 248 -19.42 9.86 6.85
C VAL A 248 -20.64 8.95 6.89
N ARG A 249 -21.84 9.53 6.96
CA ARG A 249 -23.05 8.72 6.99
C ARG A 249 -23.28 7.97 5.68
N LEU A 250 -22.96 8.57 4.53
CA LEU A 250 -23.06 7.87 3.26
C LEU A 250 -22.06 6.72 3.18
N ARG A 251 -20.83 6.94 3.63
CA ARG A 251 -19.84 5.86 3.65
C ARG A 251 -20.31 4.71 4.53
N GLY A 252 -20.82 5.04 5.72
CA GLY A 252 -21.34 4.03 6.63
C GLY A 252 -22.53 3.26 6.07
N ALA A 253 -23.46 3.95 5.42
CA ALA A 253 -24.60 3.31 4.77
C ALA A 253 -24.19 2.41 3.62
N ILE A 254 -23.23 2.84 2.80
CA ILE A 254 -22.88 2.06 1.61
C ILE A 254 -21.96 0.89 1.93
N LEU A 255 -21.09 1.02 2.94
CA LEU A 255 -20.15 -0.06 3.23
C LEU A 255 -20.87 -1.30 3.74
N THR A 256 -21.83 -1.12 4.66
CA THR A 256 -22.58 -2.27 5.16
C THR A 256 -23.47 -2.87 4.08
N MET A 257 -24.03 -2.05 3.20
CA MET A 257 -24.82 -2.58 2.08
C MET A 257 -23.95 -3.40 1.14
N ALA A 258 -22.75 -2.93 0.84
CA ALA A 258 -21.83 -3.69 0.00
C ALA A 258 -21.42 -4.99 0.68
N PHE A 259 -21.18 -4.95 2.00
CA PHE A 259 -20.83 -6.17 2.73
C PHE A 259 -21.98 -7.17 2.69
N LYS A 260 -23.21 -6.71 2.87
CA LYS A 260 -24.36 -7.60 2.79
C LYS A 260 -24.50 -8.19 1.39
N LYS A 261 -24.28 -7.37 0.35
CA LYS A 261 -24.38 -7.85 -1.01
C LYS A 261 -23.32 -8.92 -1.31
N ILE A 262 -22.08 -8.70 -0.87
CA ILE A 262 -21.04 -9.69 -1.13
C ILE A 262 -21.20 -10.92 -0.24
N LEU A 263 -21.89 -10.79 0.89
CA LEU A 263 -22.23 -11.96 1.70
C LEU A 263 -23.38 -12.77 1.10
N LYS A 264 -24.32 -12.13 0.41
CA LYS A 264 -25.46 -12.80 -0.18
C LYS A 264 -25.31 -13.08 -1.66
N LEU A 265 -24.12 -12.88 -2.24
CA LEU A 265 -23.92 -13.19 -3.64
C LEU A 265 -23.71 -14.69 -3.84
N LYS A 266 -23.95 -15.15 -5.06
CA LYS A 266 -23.80 -16.55 -5.41
C LYS A 266 -22.51 -16.86 -6.15
N ASN A 267 -22.02 -15.93 -6.98
CA ASN A 267 -20.80 -16.13 -7.74
C ASN A 267 -19.63 -15.54 -6.96
N ILE A 268 -18.99 -16.37 -6.14
CA ILE A 268 -17.85 -15.91 -5.37
C ILE A 268 -16.66 -15.63 -6.28
N LYS A 269 -16.48 -16.44 -7.32
CA LYS A 269 -15.34 -16.32 -8.22
C LYS A 269 -15.57 -15.30 -9.33
N GLU A 270 -16.71 -14.62 -9.34
CA GLU A 270 -16.96 -13.59 -10.36
C GLU A 270 -15.96 -12.46 -10.26
N LYS A 271 -15.64 -12.02 -9.04
CA LYS A 271 -14.66 -10.97 -8.80
C LYS A 271 -13.39 -11.58 -8.22
N SER A 272 -12.38 -10.73 -8.07
CA SER A 272 -11.08 -11.14 -7.54
C SER A 272 -10.98 -10.80 -6.06
N LEU A 273 -9.96 -11.38 -5.41
CA LEU A 273 -9.73 -11.15 -3.99
C LEU A 273 -9.36 -9.71 -3.68
N GLY A 274 -8.56 -9.05 -4.52
CA GLY A 274 -8.13 -7.69 -4.27
C GLY A 274 -9.15 -6.62 -4.58
N GLU A 275 -10.32 -7.00 -5.11
CA GLU A 275 -11.38 -6.06 -5.43
C GLU A 275 -12.48 -6.01 -4.37
N LEU A 276 -12.94 -7.17 -3.90
CA LEU A 276 -14.00 -7.19 -2.90
C LEU A 276 -13.54 -6.55 -1.59
N ILE A 277 -12.28 -6.79 -1.20
CA ILE A 277 -11.73 -6.11 -0.03
C ILE A 277 -11.55 -4.62 -0.27
N ASN A 278 -11.09 -4.23 -1.46
CA ASN A 278 -10.87 -2.81 -1.76
C ASN A 278 -12.17 -2.01 -1.74
N ILE A 279 -13.24 -2.56 -2.33
CA ILE A 279 -14.50 -1.82 -2.39
C ILE A 279 -15.15 -1.66 -1.03
N CYS A 280 -14.93 -2.60 -0.12
CA CYS A 280 -15.51 -2.52 1.22
C CYS A 280 -14.62 -1.77 2.20
N SER A 281 -13.45 -1.31 1.78
CA SER A 281 -12.54 -0.59 2.65
C SER A 281 -12.09 0.75 2.08
N ASN A 282 -11.90 0.84 0.77
CA ASN A 282 -11.40 2.06 0.14
C ASN A 282 -12.46 2.83 -0.64
N ASP A 283 -13.45 2.13 -1.23
CA ASP A 283 -14.50 2.83 -1.95
C ASP A 283 -15.33 3.70 -1.03
N GLY A 284 -15.62 3.21 0.18
CA GLY A 284 -16.34 4.02 1.14
C GLY A 284 -15.58 5.27 1.54
N GLN A 285 -14.27 5.13 1.77
CA GLN A 285 -13.45 6.30 2.08
C GLN A 285 -13.40 7.27 0.92
N ARG A 286 -13.32 6.75 -0.31
CA ARG A 286 -13.34 7.62 -1.49
C ARG A 286 -14.65 8.39 -1.57
N MET A 287 -15.77 7.71 -1.33
CA MET A 287 -17.06 8.38 -1.33
C MET A 287 -17.14 9.44 -0.23
N ALA A 288 -16.62 9.14 0.95
CA ALA A 288 -16.64 10.11 2.04
C ALA A 288 -15.83 11.33 1.72
N GLU A 289 -14.60 11.16 1.23
CA GLU A 289 -13.77 12.30 0.89
C GLU A 289 -14.34 13.07 -0.29
N ALA A 290 -15.00 12.39 -1.22
CA ALA A 290 -15.67 13.09 -2.32
C ALA A 290 -16.80 13.96 -1.79
N ALA A 291 -17.71 13.39 -1.00
CA ALA A 291 -18.79 14.17 -0.42
C ALA A 291 -18.28 15.27 0.50
N ALA A 292 -17.04 15.15 0.98
CA ALA A 292 -16.45 16.17 1.83
C ALA A 292 -15.85 17.34 1.04
N VAL A 293 -15.12 17.05 -0.04
CA VAL A 293 -14.32 18.10 -0.67
C VAL A 293 -14.80 18.46 -2.08
N GLY A 294 -15.36 17.49 -2.82
CA GLY A 294 -15.77 17.76 -4.17
C GLY A 294 -17.13 18.40 -4.32
N SER A 295 -17.86 18.56 -3.22
CA SER A 295 -19.14 19.26 -3.27
C SER A 295 -18.98 20.75 -3.57
N LEU A 296 -17.77 21.27 -3.52
CA LEU A 296 -17.49 22.67 -3.84
C LEU A 296 -17.21 22.88 -5.32
N LEU A 297 -17.70 21.98 -6.19
CA LEU A 297 -17.51 22.16 -7.62
C LEU A 297 -18.18 23.43 -8.12
N ALA A 298 -19.28 23.84 -7.49
CA ALA A 298 -19.92 25.12 -7.76
C ALA A 298 -19.27 26.27 -7.01
N GLY A 299 -18.03 26.10 -6.57
CA GLY A 299 -17.34 27.09 -5.77
C GLY A 299 -16.38 27.93 -6.58
N GLY A 300 -15.11 27.58 -6.55
CA GLY A 300 -14.07 28.26 -7.31
C GLY A 300 -14.49 28.75 -8.69
N PRO A 301 -15.16 27.91 -9.49
CA PRO A 301 -15.66 28.40 -10.77
C PRO A 301 -16.61 29.58 -10.68
N VAL A 302 -17.51 29.62 -9.69
CA VAL A 302 -18.47 30.72 -9.66
C VAL A 302 -17.80 32.01 -9.21
N VAL A 303 -16.86 31.94 -8.27
CA VAL A 303 -16.13 33.16 -7.90
C VAL A 303 -15.22 33.60 -9.03
N ALA A 304 -14.68 32.64 -9.80
CA ALA A 304 -13.85 33.00 -10.94
C ALA A 304 -14.67 33.73 -12.00
N ILE A 305 -15.87 33.22 -12.32
CA ILE A 305 -16.69 33.89 -13.33
C ILE A 305 -17.21 35.22 -12.80
N LEU A 306 -17.45 35.33 -11.50
CA LEU A 306 -17.80 36.63 -10.92
C LEU A 306 -16.65 37.61 -11.08
N GLY A 307 -15.41 37.15 -10.89
CA GLY A 307 -14.26 38.02 -11.13
C GLY A 307 -14.14 38.43 -12.58
N MET A 308 -14.42 37.50 -13.50
CA MET A 308 -14.39 37.84 -14.92
C MET A 308 -15.45 38.89 -15.25
N ILE A 309 -16.64 38.76 -14.67
CA ILE A 309 -17.66 39.78 -14.84
C ILE A 309 -17.17 41.12 -14.27
N TYR A 310 -16.52 41.08 -13.13
CA TYR A 310 -15.90 42.26 -12.54
C TYR A 310 -14.69 42.69 -13.37
N ASN A 311 -14.03 43.75 -12.92
CA ASN A 311 -12.85 44.37 -13.53
C ASN A 311 -13.15 44.99 -14.89
N VAL A 312 -14.40 44.98 -15.33
CA VAL A 312 -14.79 45.65 -16.57
C VAL A 312 -15.62 46.90 -16.32
N ILE A 313 -16.07 47.13 -15.09
CA ILE A 313 -16.82 48.35 -14.78
C ILE A 313 -15.86 49.46 -14.37
N ILE A 314 -14.93 49.16 -13.46
CA ILE A 314 -13.93 50.15 -13.07
C ILE A 314 -12.98 50.45 -14.24
N LEU A 315 -12.56 49.41 -14.95
CA LEU A 315 -11.72 49.57 -16.13
C LEU A 315 -12.60 49.63 -17.38
N GLY A 316 -11.98 49.58 -18.55
CA GLY A 316 -12.70 49.53 -19.80
C GLY A 316 -12.70 48.14 -20.39
N PRO A 317 -12.47 48.05 -21.71
CA PRO A 317 -12.38 46.72 -22.35
C PRO A 317 -11.11 45.97 -22.00
N THR A 318 -10.16 46.60 -21.31
CA THR A 318 -8.91 45.93 -20.97
C THR A 318 -9.14 44.80 -19.97
N GLY A 319 -10.26 44.83 -19.24
CA GLY A 319 -10.54 43.81 -18.24
C GLY A 319 -10.70 42.42 -18.81
N PHE A 320 -11.06 42.31 -20.09
CA PHE A 320 -11.18 41.01 -20.72
C PHE A 320 -9.84 40.30 -20.86
N LEU A 321 -8.74 41.07 -20.99
CA LEU A 321 -7.42 40.47 -21.07
C LEU A 321 -7.04 39.74 -19.79
N GLY A 322 -7.38 40.30 -18.62
CA GLY A 322 -7.15 39.59 -17.38
C GLY A 322 -7.90 38.28 -17.27
N SER A 323 -9.16 38.23 -17.70
CA SER A 323 -9.91 37.00 -17.75
C SER A 323 -9.33 36.00 -18.75
N ALA A 324 -8.88 36.49 -19.92
CA ALA A 324 -8.25 35.61 -20.89
C ALA A 324 -6.96 35.01 -20.33
N VAL A 325 -6.20 35.80 -19.58
CA VAL A 325 -4.98 35.30 -18.96
C VAL A 325 -5.30 34.16 -18.00
N PHE A 326 -6.34 34.32 -17.18
CA PHE A 326 -6.71 33.26 -16.25
C PHE A 326 -7.22 32.02 -16.97
N ILE A 327 -8.06 32.20 -17.99
CA ILE A 327 -8.64 31.05 -18.70
C ILE A 327 -7.66 30.41 -19.66
N LEU A 328 -6.49 31.02 -19.88
CA LEU A 328 -5.40 30.35 -20.57
C LEU A 328 -4.36 29.76 -19.61
N PHE A 329 -4.24 30.31 -18.40
CA PHE A 329 -3.31 29.79 -17.42
C PHE A 329 -3.85 28.55 -16.72
N TYR A 330 -5.17 28.49 -16.52
CA TYR A 330 -5.74 27.30 -15.89
C TYR A 330 -5.53 26.03 -16.71
N PRO A 331 -5.84 25.99 -18.02
CA PRO A 331 -5.49 24.78 -18.79
C PRO A 331 -4.06 24.83 -19.28
N ALA A 332 -3.18 25.30 -18.41
CA ALA A 332 -1.73 25.19 -18.49
C ALA A 332 -1.17 24.55 -17.23
N MET A 333 -1.64 24.98 -16.06
CA MET A 333 -1.36 24.23 -14.83
C MET A 333 -2.06 22.88 -14.87
N MET A 334 -3.28 22.83 -15.42
CA MET A 334 -3.94 21.54 -15.62
C MET A 334 -3.16 20.68 -16.60
N PHE A 335 -2.62 21.29 -17.66
CA PHE A 335 -1.81 20.53 -18.62
C PHE A 335 -0.56 19.99 -17.96
N ALA A 336 0.10 20.81 -17.13
CA ALA A 336 1.28 20.34 -16.41
C ALA A 336 0.96 19.23 -15.42
N SER A 337 -0.19 19.34 -14.73
CA SER A 337 -0.60 18.28 -13.82
C SER A 337 -0.88 16.99 -14.58
N ARG A 338 -1.51 17.09 -15.75
CA ARG A 338 -1.74 15.90 -16.56
C ARG A 338 -0.44 15.29 -17.05
N LEU A 339 0.53 16.14 -17.44
CA LEU A 339 1.83 15.64 -17.87
C LEU A 339 2.56 14.94 -16.75
N THR A 340 2.54 15.51 -15.54
CA THR A 340 3.20 14.85 -14.42
C THR A 340 2.46 13.59 -13.99
N ALA A 341 1.13 13.53 -14.15
CA ALA A 341 0.40 12.30 -13.90
C ALA A 341 0.73 11.22 -14.92
N TYR A 342 0.91 11.61 -16.19
CA TYR A 342 1.36 10.66 -17.21
C TYR A 342 2.78 10.18 -16.95
N PHE A 343 3.66 11.06 -16.48
CA PHE A 343 5.00 10.63 -16.08
C PHE A 343 4.95 9.68 -14.90
N ARG A 344 4.06 9.94 -13.94
CA ARG A 344 3.72 8.95 -12.94
C ARG A 344 3.00 7.77 -13.59
N ARG A 345 3.05 6.62 -12.92
CA ARG A 345 2.59 5.32 -13.44
C ARG A 345 3.41 4.93 -14.66
N LYS A 346 4.39 5.76 -15.01
CA LYS A 346 5.43 5.44 -15.98
C LYS A 346 6.76 5.43 -15.26
N CYS A 347 7.67 4.55 -15.69
CA CYS A 347 8.91 4.24 -15.00
C CYS A 347 8.59 3.50 -13.70
N VAL A 348 7.31 3.30 -13.43
CA VAL A 348 6.92 2.41 -12.33
C VAL A 348 7.34 0.98 -12.65
N ALA A 349 7.37 0.61 -13.93
CA ALA A 349 7.92 -0.68 -14.31
C ALA A 349 9.41 -0.76 -13.98
N ALA A 350 10.16 0.32 -14.24
CA ALA A 350 11.58 0.34 -13.91
C ALA A 350 11.79 0.24 -12.40
N THR A 351 10.99 0.97 -11.62
CA THR A 351 11.17 0.91 -10.17
C THR A 351 10.73 -0.45 -9.61
N ASP A 352 9.73 -1.09 -10.24
CA ASP A 352 9.36 -2.45 -9.84
C ASP A 352 10.47 -3.43 -10.18
N GLU A 353 11.13 -3.25 -11.32
CA GLU A 353 12.27 -4.08 -11.66
C GLU A 353 13.41 -3.88 -10.65
N ARG A 354 13.63 -2.63 -10.24
CA ARG A 354 14.65 -2.37 -9.22
C ARG A 354 14.30 -3.04 -7.90
N VAL A 355 13.02 -2.97 -7.50
CA VAL A 355 12.59 -3.61 -6.26
C VAL A 355 12.77 -5.12 -6.35
N GLN A 356 12.41 -5.71 -7.50
CA GLN A 356 12.59 -7.14 -7.69
C GLN A 356 14.05 -7.54 -7.65
N LYS A 357 14.92 -6.72 -8.25
CA LYS A 357 16.35 -6.99 -8.22
C LYS A 357 16.89 -6.92 -6.80
N MET A 358 16.44 -5.93 -6.02
CA MET A 358 16.86 -5.84 -4.63
C MET A 358 16.37 -7.04 -3.82
N ASN A 359 15.12 -7.47 -4.05
CA ASN A 359 14.62 -8.64 -3.35
C ASN A 359 15.41 -9.89 -3.72
N GLU A 360 15.76 -10.02 -4.99
CA GLU A 360 16.55 -11.17 -5.43
C GLU A 360 17.96 -11.15 -4.82
N VAL A 361 18.58 -9.97 -4.76
CA VAL A 361 19.91 -9.86 -4.17
C VAL A 361 19.88 -10.01 -2.65
N LEU A 362 18.72 -9.79 -2.03
CA LEU A 362 18.61 -9.95 -0.57
C LEU A 362 18.30 -11.39 -0.19
N THR A 363 17.33 -12.02 -0.84
CA THR A 363 17.00 -13.41 -0.55
C THR A 363 18.16 -14.33 -0.94
N TYR A 364 18.65 -14.20 -2.17
CA TYR A 364 19.79 -14.99 -2.63
C TYR A 364 21.11 -14.22 -2.41
N ILE A 365 21.32 -13.75 -1.19
CA ILE A 365 22.56 -13.07 -0.86
C ILE A 365 23.69 -14.04 -0.57
N LYS A 366 23.37 -15.23 -0.04
CA LYS A 366 24.40 -16.23 0.21
C LYS A 366 25.06 -16.68 -1.09
N PHE A 367 24.26 -16.94 -2.12
CA PHE A 367 24.80 -17.39 -3.40
C PHE A 367 25.69 -16.33 -4.03
N ILE A 368 25.28 -15.07 -3.98
CA ILE A 368 26.06 -14.00 -4.59
C ILE A 368 27.33 -13.75 -3.81
N LYS A 369 27.24 -13.69 -2.48
CA LYS A 369 28.42 -13.50 -1.65
C LYS A 369 29.38 -14.67 -1.75
N MET A 370 28.90 -15.86 -2.07
CA MET A 370 29.74 -17.03 -2.25
C MET A 370 30.31 -17.14 -3.66
N TYR A 371 29.98 -16.20 -4.54
CA TYR A 371 30.43 -16.23 -5.93
C TYR A 371 31.13 -14.96 -6.36
N ALA A 372 31.28 -13.98 -5.45
CA ALA A 372 31.93 -12.70 -5.73
C ALA A 372 31.24 -11.94 -6.86
N TRP A 373 29.94 -12.14 -7.03
CA TRP A 373 29.17 -11.40 -8.05
C TRP A 373 28.56 -10.13 -7.47
N VAL A 374 29.42 -9.31 -6.86
CA VAL A 374 28.97 -8.09 -6.20
C VAL A 374 29.09 -6.89 -7.12
N LYS A 375 30.22 -6.76 -7.82
CA LYS A 375 30.44 -5.59 -8.66
C LYS A 375 29.45 -5.54 -9.82
N ALA A 376 29.18 -6.68 -10.46
CA ALA A 376 28.24 -6.69 -11.58
C ALA A 376 26.83 -6.37 -11.13
N PHE A 377 26.40 -6.93 -9.99
CA PHE A 377 25.07 -6.62 -9.47
C PHE A 377 24.95 -5.16 -9.06
N SER A 378 26.00 -4.62 -8.44
CA SER A 378 25.99 -3.20 -8.06
C SER A 378 25.90 -2.31 -9.30
N GLN A 379 26.65 -2.67 -10.36
CA GLN A 379 26.55 -1.93 -11.61
C GLN A 379 25.14 -2.03 -12.20
N SER A 380 24.53 -3.21 -12.11
CA SER A 380 23.17 -3.39 -12.62
C SER A 380 22.18 -2.48 -11.92
N VAL A 381 22.22 -2.46 -10.58
CA VAL A 381 21.29 -1.63 -9.82
C VAL A 381 21.59 -0.14 -10.04
N GLN A 382 22.86 0.23 -10.18
CA GLN A 382 23.17 1.62 -10.50
C GLN A 382 22.63 2.01 -11.87
N LYS A 383 22.74 1.13 -12.86
CA LYS A 383 22.19 1.41 -14.19
C LYS A 383 20.67 1.55 -14.13
N ILE A 384 20.00 0.69 -13.36
CA ILE A 384 18.56 0.82 -13.21
C ILE A 384 18.19 2.12 -12.49
N ARG A 385 18.92 2.48 -11.43
CA ARG A 385 18.62 3.69 -10.67
C ARG A 385 18.83 4.94 -11.51
N GLU A 386 19.90 4.99 -12.30
CA GLU A 386 20.15 6.16 -13.12
C GLU A 386 19.10 6.32 -14.22
N GLU A 387 18.57 5.20 -14.74
CA GLU A 387 17.46 5.27 -15.68
C GLU A 387 16.18 5.72 -14.99
N GLU A 388 15.96 5.28 -13.74
CA GLU A 388 14.81 5.73 -12.98
C GLU A 388 14.85 7.25 -12.77
N ARG A 389 15.99 7.75 -12.29
CA ARG A 389 16.14 9.19 -12.06
C ARG A 389 16.60 9.91 -13.33
N ARG A 390 15.91 9.60 -14.43
CA ARG A 390 16.03 10.31 -15.68
C ARG A 390 14.62 10.70 -16.12
N ILE A 391 13.66 9.88 -15.74
CA ILE A 391 12.25 10.24 -15.85
C ILE A 391 11.73 10.82 -14.54
N LEU A 392 12.31 10.42 -13.40
CA LEU A 392 11.94 11.03 -12.13
C LEU A 392 12.31 12.50 -12.10
N GLU A 393 13.44 12.86 -12.72
CA GLU A 393 13.83 14.26 -12.79
C GLU A 393 12.81 15.08 -13.57
N LYS A 394 12.35 14.56 -14.71
CA LYS A 394 11.35 15.27 -15.50
C LYS A 394 10.02 15.34 -14.77
N ALA A 395 9.64 14.27 -14.07
CA ALA A 395 8.41 14.29 -13.28
C ALA A 395 8.48 15.35 -12.19
N GLY A 396 9.62 15.44 -11.50
CA GLY A 396 9.78 16.48 -10.50
C GLY A 396 9.77 17.87 -11.10
N TYR A 397 10.39 18.03 -12.28
CA TYR A 397 10.37 19.32 -12.95
C TYR A 397 8.95 19.77 -13.26
N PHE A 398 8.13 18.84 -13.77
CA PHE A 398 6.76 19.18 -14.11
C PHE A 398 5.87 19.35 -12.88
N GLN A 399 6.20 18.65 -11.79
CA GLN A 399 5.41 18.77 -10.58
C GLN A 399 5.70 20.09 -9.86
N SER A 400 6.97 20.52 -9.84
CA SER A 400 7.34 21.74 -9.13
C SER A 400 6.79 22.99 -9.78
N ILE A 401 6.26 22.91 -11.00
CA ILE A 401 5.68 24.09 -11.63
C ILE A 401 4.40 24.52 -10.93
N THR A 402 3.55 23.56 -10.58
CA THR A 402 2.20 23.83 -10.08
C THR A 402 2.07 23.64 -8.57
N VAL A 403 3.09 24.00 -7.80
CA VAL A 403 3.06 23.87 -6.35
C VAL A 403 2.75 25.19 -5.67
N GLY A 404 3.27 26.30 -6.20
CA GLY A 404 3.10 27.59 -5.57
C GLY A 404 2.65 28.69 -6.52
N VAL A 405 1.77 28.35 -7.47
CA VAL A 405 1.38 29.28 -8.52
C VAL A 405 0.40 30.35 -8.06
N ALA A 406 0.08 30.39 -6.77
CA ALA A 406 -0.92 31.35 -6.29
C ALA A 406 -0.55 32.80 -6.57
N PRO A 407 0.67 33.29 -6.27
CA PRO A 407 0.96 34.71 -6.55
C PRO A 407 1.41 34.96 -7.98
N ILE A 408 2.00 33.94 -8.61
CA ILE A 408 2.55 34.12 -9.96
C ILE A 408 1.43 34.41 -10.96
N VAL A 409 0.31 33.70 -10.87
CA VAL A 409 -0.80 33.94 -11.79
C VAL A 409 -1.34 35.36 -11.62
N VAL A 410 -1.47 35.83 -10.38
CA VAL A 410 -1.98 37.18 -10.13
C VAL A 410 -1.02 38.21 -10.69
N VAL A 411 0.29 38.02 -10.46
CA VAL A 411 1.28 38.97 -10.96
C VAL A 411 1.26 39.00 -12.48
N ILE A 412 1.19 37.82 -13.12
CA ILE A 412 1.18 37.76 -14.58
C ILE A 412 -0.04 38.47 -15.14
N ALA A 413 -1.22 38.19 -14.55
CA ALA A 413 -2.44 38.82 -15.03
C ALA A 413 -2.40 40.34 -14.84
N SER A 414 -1.92 40.79 -13.68
CA SER A 414 -1.83 42.23 -13.43
C SER A 414 -0.87 42.90 -14.41
N VAL A 415 0.29 42.28 -14.66
CA VAL A 415 1.25 42.87 -15.58
C VAL A 415 0.65 42.94 -16.99
N VAL A 416 0.03 41.86 -17.43
CA VAL A 416 -0.55 41.84 -18.77
C VAL A 416 -1.64 42.89 -18.91
N THR A 417 -2.49 43.02 -17.89
CA THR A 417 -3.56 44.01 -17.95
C THR A 417 -2.99 45.43 -17.96
N PHE A 418 -2.06 45.73 -17.05
CA PHE A 418 -1.62 47.10 -16.88
C PHE A 418 -0.73 47.57 -18.02
N SER A 419 0.17 46.70 -18.51
CA SER A 419 1.10 47.10 -19.56
C SER A 419 0.39 47.48 -20.85
N VAL A 420 -0.84 47.02 -21.05
CA VAL A 420 -1.64 47.42 -22.20
C VAL A 420 -2.74 48.41 -21.85
N HIS A 421 -3.13 48.51 -20.57
CA HIS A 421 -4.11 49.53 -20.19
C HIS A 421 -3.47 50.91 -20.13
N MET A 422 -2.26 51.00 -19.60
CA MET A 422 -1.60 52.30 -19.48
C MET A 422 -1.12 52.80 -20.83
N THR A 423 -0.55 51.92 -21.65
CA THR A 423 0.00 52.32 -22.94
C THR A 423 -1.06 52.64 -23.98
N LEU A 424 -2.33 52.31 -23.71
CA LEU A 424 -3.42 52.60 -24.63
C LEU A 424 -4.05 53.97 -24.38
N GLY A 425 -3.51 54.76 -23.46
CA GLY A 425 -4.05 56.06 -23.14
C GLY A 425 -5.09 56.08 -22.04
N PHE A 426 -5.52 54.91 -21.55
CA PHE A 426 -6.50 54.87 -20.48
C PHE A 426 -5.87 55.28 -19.16
N ASP A 427 -6.70 55.82 -18.27
CA ASP A 427 -6.24 56.25 -16.96
C ASP A 427 -6.28 55.11 -15.96
N LEU A 428 -5.56 55.28 -14.86
CA LEU A 428 -5.49 54.26 -13.81
C LEU A 428 -5.16 54.93 -12.50
N THR A 429 -5.93 54.61 -11.46
CA THR A 429 -5.73 55.15 -10.12
C THR A 429 -5.25 54.03 -9.19
N ALA A 430 -4.92 54.41 -7.96
CA ALA A 430 -4.46 53.43 -6.97
C ALA A 430 -5.56 52.43 -6.63
N ALA A 431 -6.75 52.94 -6.30
CA ALA A 431 -7.87 52.05 -5.98
C ALA A 431 -8.26 51.21 -7.19
N GLN A 432 -8.31 51.82 -8.37
CA GLN A 432 -8.70 51.09 -9.57
C GLN A 432 -7.72 49.98 -9.88
N ALA A 433 -6.42 50.25 -9.74
CA ALA A 433 -5.42 49.22 -10.01
C ALA A 433 -5.39 48.14 -8.95
N PHE A 434 -5.56 48.50 -7.68
CA PHE A 434 -5.46 47.52 -6.60
C PHE A 434 -6.72 46.69 -6.41
N THR A 435 -7.87 47.18 -6.88
CA THR A 435 -9.08 46.37 -6.82
C THR A 435 -8.93 45.12 -7.68
N VAL A 436 -8.33 45.26 -8.87
CA VAL A 436 -8.09 44.11 -9.73
C VAL A 436 -7.16 43.11 -9.05
N VAL A 437 -6.11 43.61 -8.41
CA VAL A 437 -5.18 42.71 -7.72
C VAL A 437 -5.87 41.97 -6.59
N THR A 438 -6.69 42.68 -5.81
CA THR A 438 -7.37 42.05 -4.69
C THR A 438 -8.37 41.01 -5.16
N VAL A 439 -9.14 41.31 -6.21
CA VAL A 439 -10.09 40.33 -6.70
C VAL A 439 -9.38 39.15 -7.35
N PHE A 440 -8.21 39.38 -7.97
CA PHE A 440 -7.43 38.28 -8.51
C PHE A 440 -6.93 37.37 -7.40
N ASN A 441 -6.46 37.96 -6.29
CA ASN A 441 -6.09 37.18 -5.12
C ASN A 441 -7.28 36.43 -4.53
N SER A 442 -8.48 37.00 -4.62
CA SER A 442 -9.67 36.31 -4.13
C SER A 442 -9.99 35.10 -5.02
N MET A 443 -9.96 35.27 -6.34
CA MET A 443 -10.20 34.17 -7.25
C MET A 443 -9.07 33.14 -7.23
N THR A 444 -7.90 33.52 -6.69
CA THR A 444 -6.81 32.56 -6.54
C THR A 444 -7.22 31.36 -5.69
N PHE A 445 -8.20 31.53 -4.80
CA PHE A 445 -8.63 30.43 -3.95
C PHE A 445 -9.55 29.48 -4.71
N ALA A 446 -9.11 29.05 -5.88
CA ALA A 446 -9.78 28.04 -6.69
C ALA A 446 -8.82 26.94 -7.16
N LEU A 447 -7.56 27.29 -7.44
CA LEU A 447 -6.61 26.28 -7.89
C LEU A 447 -6.25 25.29 -6.80
N LYS A 448 -6.42 25.65 -5.53
CA LYS A 448 -6.11 24.74 -4.45
C LYS A 448 -7.18 23.68 -4.27
N VAL A 449 -8.43 23.97 -4.65
CA VAL A 449 -9.57 23.12 -4.31
C VAL A 449 -10.17 22.45 -5.53
N THR A 450 -10.24 23.17 -6.66
CA THR A 450 -10.96 22.65 -7.82
C THR A 450 -10.37 21.37 -8.39
N PRO A 451 -9.06 21.26 -8.66
CA PRO A 451 -8.55 19.98 -9.18
C PRO A 451 -8.77 18.82 -8.22
N ALA A 452 -8.64 19.08 -6.91
CA ALA A 452 -8.94 18.05 -5.93
C ALA A 452 -10.42 17.67 -5.98
N SER A 453 -11.29 18.66 -6.17
CA SER A 453 -12.72 18.39 -6.28
C SER A 453 -13.02 17.53 -7.51
N VAL A 454 -12.37 17.84 -8.64
CA VAL A 454 -12.60 17.06 -9.86
C VAL A 454 -12.10 15.63 -9.69
N LYS A 455 -10.92 15.46 -9.09
CA LYS A 455 -10.42 14.10 -8.89
C LYS A 455 -11.28 13.32 -7.92
N SER A 456 -11.80 13.99 -6.89
CA SER A 456 -12.71 13.33 -5.95
C SER A 456 -14.01 12.95 -6.63
N LEU A 457 -14.54 13.82 -7.49
CA LEU A 457 -15.76 13.51 -8.22
C LEU A 457 -15.55 12.33 -9.18
N SER A 458 -14.39 12.28 -9.84
CA SER A 458 -14.10 11.15 -10.72
C SER A 458 -13.98 9.85 -9.92
N GLU A 459 -13.33 9.91 -8.76
CA GLU A 459 -13.24 8.72 -7.91
C GLU A 459 -14.62 8.29 -7.43
N ALA A 460 -15.46 9.25 -7.07
CA ALA A 460 -16.83 8.93 -6.66
C ALA A 460 -17.61 8.30 -7.79
N SER A 461 -17.44 8.81 -9.01
CA SER A 461 -18.16 8.25 -10.15
C SER A 461 -17.72 6.82 -10.45
N VAL A 462 -16.40 6.56 -10.43
CA VAL A 462 -15.94 5.20 -10.69
C VAL A 462 -16.34 4.26 -9.56
N ALA A 463 -16.34 4.74 -8.31
CA ALA A 463 -16.82 3.91 -7.20
C ALA A 463 -18.31 3.62 -7.33
N VAL A 464 -19.10 4.60 -7.77
CA VAL A 464 -20.52 4.37 -7.99
C VAL A 464 -20.74 3.34 -9.09
N ASP A 465 -19.97 3.43 -10.18
CA ASP A 465 -20.10 2.45 -11.25
C ASP A 465 -19.72 1.06 -10.76
N ARG A 466 -18.64 0.94 -9.99
CA ARG A 466 -18.22 -0.36 -9.49
C ARG A 466 -19.25 -0.93 -8.51
N PHE A 467 -19.81 -0.07 -7.66
CA PHE A 467 -20.84 -0.53 -6.73
C PHE A 467 -22.09 -0.98 -7.47
N LYS A 468 -22.48 -0.25 -8.53
CA LYS A 468 -23.61 -0.67 -9.34
C LYS A 468 -23.35 -2.01 -10.01
N SER A 469 -22.14 -2.22 -10.52
CA SER A 469 -21.79 -3.53 -11.07
C SER A 469 -21.86 -4.61 -9.99
N LEU A 470 -21.47 -4.28 -8.76
CA LEU A 470 -21.58 -5.23 -7.66
C LEU A 470 -23.04 -5.56 -7.36
N PHE A 471 -23.93 -4.58 -7.48
CA PHE A 471 -25.32 -4.76 -7.07
C PHE A 471 -26.19 -5.39 -8.16
N LEU A 472 -25.65 -5.66 -9.34
CA LEU A 472 -26.43 -6.18 -10.45
C LEU A 472 -26.24 -7.67 -10.70
N MET A 473 -25.40 -8.35 -9.91
CA MET A 473 -25.23 -9.78 -10.10
C MET A 473 -26.33 -10.54 -9.38
N GLU A 474 -26.44 -11.82 -9.72
CA GLU A 474 -27.48 -12.67 -9.14
C GLU A 474 -27.21 -12.90 -7.65
N GLU A 475 -28.29 -12.92 -6.87
CA GLU A 475 -28.22 -13.12 -5.43
C GLU A 475 -28.38 -14.60 -5.09
N VAL A 476 -27.68 -15.03 -4.04
CA VAL A 476 -27.79 -16.42 -3.62
C VAL A 476 -29.16 -16.66 -2.97
N HIS A 477 -29.56 -17.93 -2.94
CA HIS A 477 -30.86 -18.32 -2.42
C HIS A 477 -30.69 -19.39 -1.36
N MET A 478 -31.62 -19.43 -0.42
CA MET A 478 -31.65 -20.45 0.63
C MET A 478 -32.93 -21.26 0.49
N ILE A 479 -32.80 -22.59 0.53
CA ILE A 479 -33.94 -23.47 0.35
C ILE A 479 -34.84 -23.38 1.58
N LYS A 480 -36.12 -23.10 1.36
CA LYS A 480 -37.09 -23.00 2.44
C LYS A 480 -38.19 -24.06 2.37
N ASN A 481 -38.37 -24.71 1.23
CA ASN A 481 -39.39 -25.75 1.11
C ASN A 481 -39.02 -26.96 1.97
N LYS A 482 -40.04 -27.58 2.56
CA LYS A 482 -39.84 -28.71 3.43
C LYS A 482 -40.48 -29.97 2.84
N PRO A 483 -39.90 -31.14 3.08
CA PRO A 483 -40.52 -32.37 2.59
C PRO A 483 -41.84 -32.64 3.29
N ALA A 484 -42.74 -33.33 2.56
CA ALA A 484 -44.04 -33.68 3.12
C ALA A 484 -43.88 -34.59 4.34
N SER A 485 -43.00 -35.58 4.23
CA SER A 485 -42.73 -36.46 5.36
C SER A 485 -41.65 -35.86 6.25
N PRO A 486 -41.92 -35.68 7.55
CA PRO A 486 -40.90 -35.10 8.43
C PRO A 486 -39.65 -35.96 8.56
N HIS A 487 -39.73 -37.26 8.30
CA HIS A 487 -38.56 -38.11 8.40
C HIS A 487 -37.54 -37.81 7.30
N ILE A 488 -38.01 -37.34 6.14
CA ILE A 488 -37.11 -37.03 5.04
C ILE A 488 -36.45 -35.68 5.30
N LYS A 489 -35.11 -35.66 5.23
CA LYS A 489 -34.35 -34.44 5.43
C LYS A 489 -34.14 -33.67 4.13
N ILE A 490 -33.64 -34.35 3.10
CA ILE A 490 -33.41 -33.77 1.78
C ILE A 490 -34.24 -34.53 0.76
N GLU A 491 -35.05 -33.82 -0.01
CA GLU A 491 -35.93 -34.42 -1.00
C GLU A 491 -35.74 -33.68 -2.31
N MET A 492 -35.58 -34.43 -3.39
CA MET A 492 -35.44 -33.88 -4.73
C MET A 492 -35.81 -34.95 -5.75
N LYS A 493 -36.61 -34.58 -6.74
CA LYS A 493 -37.12 -35.51 -7.74
C LYS A 493 -37.04 -34.87 -9.12
N ASN A 494 -36.28 -35.50 -10.01
CA ASN A 494 -36.17 -35.07 -11.41
C ASN A 494 -35.75 -33.61 -11.51
N ALA A 495 -34.76 -33.22 -10.70
CA ALA A 495 -34.27 -31.85 -10.70
C ALA A 495 -33.14 -31.69 -11.71
N THR A 496 -33.30 -30.72 -12.61
CA THR A 496 -32.24 -30.40 -13.57
C THR A 496 -31.05 -29.78 -12.86
N LEU A 497 -31.28 -28.68 -12.14
CA LEU A 497 -30.29 -28.08 -11.24
C LEU A 497 -29.02 -27.70 -12.00
N ALA A 498 -29.18 -26.77 -12.95
CA ALA A 498 -28.07 -26.34 -13.79
C ALA A 498 -27.15 -25.37 -13.04
N TRP A 499 -25.90 -25.30 -13.50
CA TRP A 499 -24.90 -24.42 -12.93
C TRP A 499 -24.95 -23.06 -13.63
N ASP A 500 -23.95 -22.21 -13.37
CA ASP A 500 -23.88 -20.88 -13.95
C ASP A 500 -22.50 -20.66 -14.56
N SER A 501 -22.44 -19.76 -15.53
CA SER A 501 -21.18 -19.44 -16.20
C SER A 501 -21.20 -18.02 -16.77
N ARG A 573 -27.10 -17.46 -16.49
CA ARG A 573 -26.58 -18.57 -17.26
C ARG A 573 -26.95 -19.90 -16.63
N LEU A 574 -27.42 -20.84 -17.44
CA LEU A 574 -27.83 -22.17 -16.98
C LEU A 574 -26.88 -23.20 -17.62
N GLN A 575 -25.84 -23.58 -16.87
CA GLN A 575 -24.89 -24.58 -17.33
C GLN A 575 -25.34 -25.95 -16.83
N ARG A 576 -25.75 -26.81 -17.77
CA ARG A 576 -26.29 -28.12 -17.42
C ARG A 576 -25.17 -29.00 -16.87
N THR A 577 -25.31 -29.41 -15.61
CA THR A 577 -24.35 -30.29 -14.97
C THR A 577 -24.98 -31.52 -14.34
N LEU A 578 -26.19 -31.41 -13.79
CA LEU A 578 -26.90 -32.52 -13.19
C LEU A 578 -28.11 -32.88 -14.03
N HIS A 579 -28.51 -34.15 -13.96
CA HIS A 579 -29.63 -34.64 -14.77
C HIS A 579 -30.35 -35.74 -14.00
N SER A 580 -31.61 -35.47 -13.63
CA SER A 580 -32.50 -36.48 -13.05
C SER A 580 -31.91 -37.09 -11.77
N ILE A 581 -31.76 -36.25 -10.75
CA ILE A 581 -31.30 -36.68 -9.45
C ILE A 581 -32.53 -37.00 -8.58
N ASP A 582 -32.57 -38.21 -8.05
CA ASP A 582 -33.71 -38.71 -7.27
C ASP A 582 -33.32 -39.02 -5.83
N LEU A 583 -32.56 -38.12 -5.20
CA LEU A 583 -32.12 -38.34 -3.83
C LEU A 583 -33.31 -38.37 -2.88
N GLU A 584 -33.26 -39.29 -1.93
CA GLU A 584 -34.31 -39.49 -0.92
C GLU A 584 -33.70 -39.59 0.47
N ILE A 585 -32.84 -38.61 0.80
CA ILE A 585 -32.06 -38.66 2.03
C ILE A 585 -32.99 -38.73 3.23
N GLN A 586 -32.73 -39.70 4.11
CA GLN A 586 -33.49 -39.86 5.33
C GLN A 586 -32.72 -39.32 6.53
N GLU A 587 -33.43 -39.05 7.61
CA GLU A 587 -32.81 -38.52 8.81
C GLU A 587 -31.93 -39.57 9.47
N GLY A 588 -30.73 -39.14 9.88
CA GLY A 588 -29.80 -40.03 10.55
C GLY A 588 -29.21 -41.09 9.64
N LYS A 589 -28.40 -40.66 8.66
CA LYS A 589 -27.78 -41.58 7.72
C LYS A 589 -26.33 -41.19 7.52
N LEU A 590 -25.53 -42.14 7.03
CA LEU A 590 -24.10 -41.98 6.82
C LEU A 590 -23.75 -42.16 5.34
N VAL A 591 -24.55 -41.54 4.48
CA VAL A 591 -24.40 -41.75 3.04
C VAL A 591 -23.14 -41.03 2.52
N GLY A 592 -22.77 -41.37 1.28
CA GLY A 592 -21.67 -40.72 0.62
C GLY A 592 -21.85 -40.68 -0.90
N ILE A 593 -21.70 -39.50 -1.48
CA ILE A 593 -21.85 -39.31 -2.93
C ILE A 593 -20.45 -39.25 -3.52
N CYS A 594 -20.08 -40.30 -4.24
CA CYS A 594 -18.77 -40.39 -4.87
C CYS A 594 -18.93 -40.40 -6.39
N GLY A 595 -17.89 -39.92 -7.07
CA GLY A 595 -17.92 -39.88 -8.53
C GLY A 595 -16.63 -39.31 -9.05
N SER A 596 -16.54 -39.25 -10.38
CA SER A 596 -15.36 -38.71 -11.04
C SER A 596 -15.29 -37.19 -10.86
N VAL A 597 -14.10 -36.65 -11.05
CA VAL A 597 -13.90 -35.21 -10.92
C VAL A 597 -14.57 -34.50 -12.08
N GLY A 598 -15.38 -33.48 -11.77
CA GLY A 598 -16.11 -32.74 -12.78
C GLY A 598 -17.45 -33.33 -13.16
N SER A 599 -17.82 -34.49 -12.61
CA SER A 599 -19.11 -35.10 -12.93
C SER A 599 -20.28 -34.35 -12.32
N GLY A 600 -20.04 -33.58 -11.26
CA GLY A 600 -21.10 -32.84 -10.61
C GLY A 600 -21.15 -33.03 -9.11
N LYS A 601 -20.10 -33.64 -8.55
CA LYS A 601 -20.04 -33.84 -7.11
C LYS A 601 -20.01 -32.51 -6.36
N THR A 602 -19.09 -31.62 -6.75
CA THR A 602 -19.08 -30.28 -6.18
C THR A 602 -20.33 -29.51 -6.58
N SER A 603 -20.83 -29.73 -7.80
CA SER A 603 -22.08 -29.11 -8.21
C SER A 603 -23.23 -29.57 -7.32
N LEU A 604 -23.30 -30.87 -7.02
CA LEU A 604 -24.34 -31.38 -6.14
C LEU A 604 -24.20 -30.81 -4.73
N ILE A 605 -22.97 -30.70 -4.23
CA ILE A 605 -22.76 -30.15 -2.90
C ILE A 605 -23.23 -28.70 -2.85
N SER A 606 -22.89 -27.91 -3.87
CA SER A 606 -23.32 -26.52 -3.92
C SER A 606 -24.84 -26.41 -4.05
N ALA A 607 -25.45 -27.30 -4.84
CA ALA A 607 -26.90 -27.29 -4.98
C ALA A 607 -27.58 -27.60 -3.66
N ILE A 608 -27.04 -28.56 -2.91
CA ILE A 608 -27.57 -28.85 -1.58
C ILE A 608 -27.41 -27.63 -0.67
N LEU A 609 -26.25 -26.96 -0.75
CA LEU A 609 -26.05 -25.75 0.03
C LEU A 609 -27.05 -24.66 -0.35
N GLY A 610 -27.41 -24.57 -1.63
CA GLY A 610 -28.38 -23.60 -2.09
C GLY A 610 -27.87 -22.59 -3.11
N GLN A 611 -26.62 -22.72 -3.54
CA GLN A 611 -26.04 -21.81 -4.51
C GLN A 611 -26.28 -22.22 -5.97
N MET A 612 -27.33 -23.00 -6.22
CA MET A 612 -27.65 -23.49 -7.56
C MET A 612 -29.08 -23.10 -7.92
N THR A 613 -29.28 -22.73 -9.18
CA THR A 613 -30.61 -22.39 -9.65
C THR A 613 -31.40 -23.67 -9.98
N LEU A 614 -32.72 -23.53 -10.01
CA LEU A 614 -33.63 -24.64 -10.28
C LEU A 614 -34.50 -24.31 -11.47
N LEU A 615 -34.63 -25.28 -12.38
CA LEU A 615 -35.45 -25.12 -13.57
C LEU A 615 -36.70 -26.00 -13.53
N GLU A 616 -36.53 -27.31 -13.34
CA GLU A 616 -37.64 -28.24 -13.24
C GLU A 616 -37.46 -29.11 -12.01
N GLY A 617 -38.55 -29.30 -11.27
CA GLY A 617 -38.54 -30.09 -10.06
C GLY A 617 -38.76 -29.25 -8.82
N SER A 618 -38.28 -29.78 -7.69
CA SER A 618 -38.42 -29.09 -6.42
C SER A 618 -37.31 -29.53 -5.49
N ILE A 619 -36.89 -28.62 -4.61
CA ILE A 619 -35.87 -28.88 -3.61
C ILE A 619 -36.49 -28.68 -2.23
N ALA A 620 -36.33 -29.68 -1.37
CA ALA A 620 -36.93 -29.65 -0.04
C ALA A 620 -35.84 -29.86 1.00
N ILE A 621 -35.72 -28.91 1.92
CA ILE A 621 -34.76 -28.97 3.02
C ILE A 621 -35.48 -28.70 4.33
N SER A 622 -35.25 -29.55 5.32
CA SER A 622 -35.90 -29.44 6.62
C SER A 622 -34.87 -29.41 7.74
N GLY A 623 -33.84 -28.59 7.56
CA GLY A 623 -32.82 -28.46 8.59
C GLY A 623 -31.73 -27.50 8.15
N THR A 624 -30.81 -27.25 9.07
CA THR A 624 -29.66 -26.39 8.83
C THR A 624 -28.47 -27.22 8.36
N PHE A 625 -27.52 -26.55 7.71
CA PHE A 625 -26.38 -27.22 7.09
C PHE A 625 -25.12 -26.98 7.91
N ALA A 626 -24.44 -28.06 8.28
CA ALA A 626 -23.13 -28.01 8.91
C ALA A 626 -22.10 -28.36 7.85
N TYR A 627 -21.71 -27.37 7.05
CA TYR A 627 -20.85 -27.58 5.89
C TYR A 627 -19.47 -27.01 6.18
N VAL A 628 -18.44 -27.80 5.91
CA VAL A 628 -17.06 -27.37 6.00
C VAL A 628 -16.53 -27.19 4.57
N ALA A 629 -15.82 -26.10 4.33
CA ALA A 629 -15.34 -25.81 2.98
C ALA A 629 -13.92 -26.32 2.79
N GLN A 630 -13.55 -26.53 1.53
CA GLN A 630 -12.19 -26.94 1.20
C GLN A 630 -11.22 -25.79 1.47
N GLN A 631 -9.94 -26.16 1.61
CA GLN A 631 -8.81 -25.27 1.85
C GLN A 631 -8.84 -24.71 3.26
N ALA A 632 -9.91 -24.99 4.01
CA ALA A 632 -10.02 -24.67 5.42
C ALA A 632 -9.79 -23.17 5.68
N TRP A 633 -10.73 -22.38 5.15
CA TRP A 633 -10.66 -20.93 5.23
C TRP A 633 -10.56 -20.42 6.66
N ILE A 634 -11.39 -20.99 7.55
CA ILE A 634 -11.51 -20.65 8.98
C ILE A 634 -11.54 -19.14 9.23
N LEU A 635 -11.46 -18.74 10.49
CA LEU A 635 -11.58 -17.34 10.86
C LEU A 635 -10.20 -16.71 11.04
N ASN A 636 -10.16 -15.49 11.55
CA ASN A 636 -8.92 -14.76 11.75
C ASN A 636 -8.80 -14.27 13.19
N ALA A 637 -9.07 -15.14 14.15
CA ALA A 637 -9.03 -14.76 15.56
C ALA A 637 -8.38 -15.86 16.39
N THR A 638 -8.52 -15.77 17.71
CA THR A 638 -7.93 -16.78 18.60
C THR A 638 -8.64 -18.11 18.40
N LEU A 639 -7.99 -19.18 18.87
CA LEU A 639 -8.52 -20.53 18.70
C LEU A 639 -9.44 -20.89 19.85
N ARG A 640 -10.43 -20.04 20.07
CA ARG A 640 -11.54 -20.35 20.96
C ARG A 640 -12.90 -20.07 20.33
N ASP A 641 -13.01 -18.99 19.55
CA ASP A 641 -14.25 -18.69 18.86
C ASP A 641 -14.39 -19.47 17.55
N ASN A 642 -13.30 -20.05 17.06
CA ASN A 642 -13.37 -20.88 15.86
C ASN A 642 -14.17 -22.16 16.07
N ILE A 643 -14.22 -22.67 17.30
CA ILE A 643 -14.97 -23.88 17.60
C ILE A 643 -16.40 -23.56 18.05
N LEU A 644 -16.57 -22.52 18.86
CA LEU A 644 -17.90 -22.11 19.28
C LEU A 644 -18.73 -21.63 18.09
N PHE A 645 -18.16 -20.74 17.28
CA PHE A 645 -18.81 -20.17 16.10
C PHE A 645 -20.16 -19.53 16.48
N GLY A 646 -20.08 -18.59 17.42
CA GLY A 646 -21.26 -17.88 17.88
C GLY A 646 -22.24 -18.76 18.64
N LYS A 647 -21.75 -19.61 19.52
CA LYS A 647 -22.60 -20.50 20.31
C LYS A 647 -22.17 -20.44 21.77
N GLU A 648 -23.10 -20.86 22.64
CA GLU A 648 -22.82 -20.87 24.08
C GLU A 648 -21.72 -21.86 24.40
N TYR A 649 -20.79 -21.44 25.26
CA TYR A 649 -19.65 -22.27 25.63
C TYR A 649 -20.08 -23.29 26.68
N ASP A 650 -20.02 -24.56 26.32
CA ASP A 650 -20.34 -25.66 27.23
C ASP A 650 -19.09 -26.51 27.42
N GLU A 651 -18.72 -26.73 28.69
CA GLU A 651 -17.50 -27.48 28.97
C GLU A 651 -17.59 -28.93 28.51
N GLU A 652 -18.73 -29.58 28.77
CA GLU A 652 -18.89 -30.98 28.38
C GLU A 652 -18.83 -31.13 26.87
N ARG A 653 -19.55 -30.29 26.14
CA ARG A 653 -19.54 -30.36 24.69
C ARG A 653 -18.16 -30.03 24.12
N TYR A 654 -17.48 -29.04 24.71
CA TYR A 654 -16.14 -28.69 24.25
C TYR A 654 -15.17 -29.85 24.44
N ASN A 655 -15.21 -30.49 25.60
CA ASN A 655 -14.33 -31.64 25.85
C ASN A 655 -14.66 -32.79 24.93
N SER A 656 -15.96 -33.05 24.70
CA SER A 656 -16.34 -34.13 23.80
C SER A 656 -15.86 -33.86 22.38
N VAL A 657 -15.99 -32.61 21.91
CA VAL A 657 -15.53 -32.26 20.58
C VAL A 657 -14.02 -32.41 20.47
N LEU A 658 -13.29 -31.95 21.49
CA LEU A 658 -11.83 -32.06 21.47
C LEU A 658 -11.39 -33.52 21.46
N ASN A 659 -12.05 -34.36 22.25
CA ASN A 659 -11.68 -35.78 22.29
C ASN A 659 -12.04 -36.49 20.99
N SER A 660 -13.17 -36.13 20.38
CA SER A 660 -13.58 -36.77 19.14
C SER A 660 -12.60 -36.49 18.01
N CYS A 661 -12.13 -35.24 17.90
CA CYS A 661 -11.21 -34.84 16.85
C CYS A 661 -9.75 -34.98 17.25
N CYS A 662 -9.47 -35.39 18.49
CA CYS A 662 -8.10 -35.58 18.99
C CYS A 662 -7.29 -34.29 18.86
N LEU A 663 -7.85 -33.20 19.38
CA LEU A 663 -7.19 -31.90 19.35
C LEU A 663 -6.29 -31.66 20.55
N ARG A 664 -6.22 -32.61 21.48
CA ARG A 664 -5.36 -32.45 22.65
C ARG A 664 -3.88 -32.30 22.29
N PRO A 665 -3.29 -33.12 21.42
CA PRO A 665 -1.89 -32.87 21.04
C PRO A 665 -1.69 -31.52 20.38
N ASP A 666 -2.66 -31.05 19.58
CA ASP A 666 -2.54 -29.74 18.95
C ASP A 666 -2.51 -28.64 19.99
N LEU A 667 -3.37 -28.73 21.02
CA LEU A 667 -3.34 -27.75 22.10
C LEU A 667 -2.04 -27.83 22.88
N ALA A 668 -1.54 -29.05 23.12
CA ALA A 668 -0.31 -29.22 23.88
C ALA A 668 0.89 -28.61 23.17
N ILE A 669 1.00 -28.83 21.85
CA ILE A 669 2.15 -28.31 21.12
C ILE A 669 2.04 -26.81 20.88
N LEU A 670 0.83 -26.25 20.86
CA LEU A 670 0.67 -24.82 20.65
C LEU A 670 1.11 -24.04 21.88
N PRO A 671 1.72 -22.86 21.68
CA PRO A 671 2.20 -22.07 22.83
C PRO A 671 1.09 -21.65 23.78
N SER A 672 0.07 -20.97 23.26
CA SER A 672 -1.03 -20.48 24.07
C SER A 672 -2.21 -21.44 24.12
N SER A 673 -2.13 -22.58 23.43
CA SER A 673 -3.18 -23.59 23.41
C SER A 673 -4.52 -23.00 22.98
N ASP A 674 -5.44 -22.83 23.93
CA ASP A 674 -6.76 -22.30 23.60
C ASP A 674 -6.69 -20.82 23.23
N LEU A 675 -5.69 -20.10 23.72
CA LEU A 675 -5.55 -18.66 23.46
C LEU A 675 -4.68 -18.37 22.24
N THR A 676 -4.22 -19.39 21.54
CA THR A 676 -3.39 -19.18 20.37
C THR A 676 -4.18 -18.51 19.25
N GLU A 677 -3.56 -17.51 18.63
CA GLU A 677 -4.17 -16.75 17.55
C GLU A 677 -3.67 -17.27 16.20
N ILE A 678 -4.61 -17.49 15.28
CA ILE A 678 -4.30 -17.97 13.94
C ILE A 678 -4.85 -16.97 12.93
N GLY A 679 -4.09 -16.76 11.86
CA GLY A 679 -4.46 -15.79 10.84
C GLY A 679 -5.56 -16.29 9.93
N GLU A 680 -5.83 -15.48 8.90
CA GLU A 680 -6.88 -15.84 7.94
C GLU A 680 -6.56 -17.12 7.20
N ARG A 681 -5.27 -17.43 7.01
CA ARG A 681 -4.86 -18.67 6.38
C ARG A 681 -4.09 -19.60 7.30
N GLY A 682 -3.61 -19.12 8.44
CA GLY A 682 -2.90 -19.97 9.37
C GLY A 682 -1.39 -19.82 9.29
N ALA A 683 -0.79 -19.12 10.25
CA ALA A 683 0.65 -18.95 10.30
C ALA A 683 1.32 -20.10 11.03
N ASN A 684 0.95 -20.33 12.28
CA ASN A 684 1.45 -21.47 13.05
C ASN A 684 0.46 -22.63 12.98
N LEU A 685 0.13 -23.03 11.75
CA LEU A 685 -0.85 -24.08 11.51
C LEU A 685 -0.55 -24.73 10.17
N SER A 686 -1.10 -25.93 10.00
CA SER A 686 -0.92 -26.71 8.78
C SER A 686 -2.29 -27.05 8.20
N GLY A 687 -2.28 -27.64 7.00
CA GLY A 687 -3.54 -28.03 6.37
C GLY A 687 -4.30 -29.06 7.17
N GLY A 688 -3.58 -30.07 7.69
CA GLY A 688 -4.25 -31.06 8.52
C GLY A 688 -4.81 -30.49 9.80
N GLN A 689 -4.06 -29.61 10.46
CA GLN A 689 -4.55 -28.95 11.66
C GLN A 689 -5.75 -28.06 11.35
N ARG A 690 -5.70 -27.36 10.22
CA ARG A 690 -6.82 -26.52 9.80
C ARG A 690 -8.08 -27.36 9.56
N GLN A 691 -7.92 -28.50 8.88
CA GLN A 691 -9.06 -29.38 8.65
C GLN A 691 -9.60 -29.96 9.94
N ARG A 692 -8.71 -30.30 10.88
CA ARG A 692 -9.16 -30.80 12.18
C ARG A 692 -9.93 -29.72 12.93
N ILE A 693 -9.47 -28.47 12.87
CA ILE A 693 -10.18 -27.37 13.50
C ILE A 693 -11.56 -27.19 12.88
N SER A 694 -11.64 -27.27 11.55
CA SER A 694 -12.93 -27.16 10.88
C SER A 694 -13.86 -28.29 11.28
N LEU A 695 -13.34 -29.51 11.38
CA LEU A 695 -14.16 -30.63 11.82
C LEU A 695 -14.65 -30.44 13.24
N ALA A 696 -13.79 -29.93 14.13
CA ALA A 696 -14.20 -29.67 15.50
C ALA A 696 -15.29 -28.60 15.54
N ARG A 697 -15.16 -27.55 14.72
CA ARG A 697 -16.20 -26.53 14.65
C ARG A 697 -17.52 -27.12 14.16
N ALA A 698 -17.47 -27.98 13.15
CA ALA A 698 -18.68 -28.62 12.65
C ALA A 698 -19.31 -29.50 13.73
N LEU A 699 -18.48 -30.24 14.47
CA LEU A 699 -19.00 -31.08 15.55
C LEU A 699 -19.67 -30.24 16.64
N TYR A 700 -19.05 -29.12 17.02
CA TYR A 700 -19.62 -28.27 18.05
C TYR A 700 -20.83 -27.48 17.54
N SER A 701 -20.99 -27.38 16.22
CA SER A 701 -22.12 -26.63 15.68
C SER A 701 -23.45 -27.27 16.08
N ASP A 702 -23.50 -28.60 16.12
CA ASP A 702 -24.69 -29.34 16.55
C ASP A 702 -25.90 -29.00 15.67
N ARG A 703 -25.71 -29.16 14.37
CA ARG A 703 -26.76 -28.90 13.39
C ARG A 703 -27.48 -30.21 13.04
N SER A 704 -28.40 -30.13 12.08
CA SER A 704 -29.21 -31.28 11.69
C SER A 704 -28.57 -32.05 10.54
N ILE A 705 -28.20 -31.36 9.47
CA ILE A 705 -27.58 -31.96 8.30
C ILE A 705 -26.13 -31.49 8.22
N TYR A 706 -25.21 -32.44 8.12
CA TYR A 706 -23.78 -32.16 8.03
C TYR A 706 -23.32 -32.38 6.60
N ILE A 707 -22.99 -31.29 5.90
CA ILE A 707 -22.46 -31.37 4.55
C ILE A 707 -20.95 -31.52 4.65
N LEU A 708 -20.47 -32.76 4.77
CA LEU A 708 -19.06 -33.04 5.04
C LEU A 708 -18.30 -33.13 3.72
N ASP A 709 -17.75 -31.98 3.30
CA ASP A 709 -16.80 -31.99 2.22
C ASP A 709 -15.52 -32.69 2.67
N ASP A 710 -14.78 -33.25 1.71
CA ASP A 710 -13.63 -34.11 1.97
C ASP A 710 -12.67 -33.49 2.96
N PRO A 711 -12.61 -34.00 4.20
CA PRO A 711 -11.70 -33.43 5.19
C PRO A 711 -10.31 -34.07 5.16
N LEU A 712 -10.25 -35.31 4.68
CA LEU A 712 -9.01 -36.09 4.71
C LEU A 712 -8.49 -36.41 3.31
N SER A 713 -8.68 -35.48 2.36
CA SER A 713 -8.12 -35.68 1.02
C SER A 713 -6.60 -35.72 1.05
N ALA A 714 -5.98 -34.87 1.87
CA ALA A 714 -4.53 -34.88 2.02
C ALA A 714 -4.11 -34.73 3.48
N LEU A 715 -4.96 -35.12 4.44
CA LEU A 715 -4.62 -34.97 5.86
C LEU A 715 -3.74 -36.10 6.33
N ASP A 716 -4.26 -37.33 6.32
CA ASP A 716 -3.55 -38.50 6.82
C ASP A 716 -4.38 -39.75 6.58
N ALA A 717 -3.86 -40.91 6.97
CA ALA A 717 -4.58 -42.18 6.85
C ALA A 717 -4.97 -42.74 8.20
N HIS A 718 -3.99 -42.96 9.09
CA HIS A 718 -4.28 -43.58 10.38
C HIS A 718 -5.14 -42.67 11.26
N VAL A 719 -4.65 -41.47 11.55
CA VAL A 719 -5.41 -40.54 12.38
C VAL A 719 -6.67 -40.10 11.66
N GLY A 720 -6.67 -40.07 10.33
CA GLY A 720 -7.88 -39.74 9.60
C GLY A 720 -8.97 -40.78 9.82
N ASN A 721 -8.62 -42.06 9.71
CA ASN A 721 -9.59 -43.11 10.00
C ASN A 721 -10.01 -43.09 11.46
N HIS A 722 -9.07 -42.81 12.37
CA HIS A 722 -9.39 -42.75 13.79
C HIS A 722 -10.43 -41.67 14.08
N ILE A 723 -10.20 -40.44 13.59
CA ILE A 723 -11.17 -39.38 13.83
C ILE A 723 -12.47 -39.65 13.10
N PHE A 724 -12.42 -40.27 11.91
CA PHE A 724 -13.64 -40.60 11.18
C PHE A 724 -14.51 -41.55 11.99
N ASN A 725 -13.94 -42.67 12.45
CA ASN A 725 -14.72 -43.64 13.20
C ASN A 725 -14.99 -43.21 14.63
N SER A 726 -14.34 -42.15 15.11
CA SER A 726 -14.63 -41.66 16.45
C SER A 726 -15.74 -40.61 16.45
N ALA A 727 -15.80 -39.77 15.41
CA ALA A 727 -16.77 -38.69 15.35
C ALA A 727 -17.89 -38.94 14.36
N ILE A 728 -17.56 -39.22 13.10
CA ILE A 728 -18.60 -39.36 12.08
C ILE A 728 -19.46 -40.59 12.34
N ARG A 729 -18.86 -41.67 12.84
CA ARG A 729 -19.61 -42.90 13.06
C ARG A 729 -20.40 -42.88 14.36
N LYS A 730 -19.79 -42.40 15.45
CA LYS A 730 -20.44 -42.41 16.75
C LYS A 730 -21.16 -41.10 17.04
N HIS A 731 -20.42 -39.99 17.07
CA HIS A 731 -21.02 -38.70 17.39
C HIS A 731 -22.03 -38.28 16.33
N LEU A 732 -21.69 -38.46 15.06
CA LEU A 732 -22.58 -38.06 13.96
C LEU A 732 -23.47 -39.22 13.50
N LYS A 733 -24.20 -39.81 14.46
CA LYS A 733 -25.14 -40.87 14.17
C LYS A 733 -26.58 -40.38 14.10
N SER A 734 -26.97 -39.46 14.96
CA SER A 734 -28.31 -38.89 14.95
C SER A 734 -28.45 -37.72 13.99
N LYS A 735 -27.38 -37.34 13.30
CA LYS A 735 -27.39 -36.24 12.36
C LYS A 735 -27.06 -36.75 10.96
N THR A 736 -27.64 -36.10 9.95
CA THR A 736 -27.40 -36.48 8.57
C THR A 736 -25.94 -36.20 8.19
N VAL A 737 -25.35 -37.13 7.44
CA VAL A 737 -23.95 -37.03 7.02
C VAL A 737 -23.91 -37.03 5.51
N LEU A 738 -23.18 -36.07 4.95
CA LEU A 738 -23.03 -35.94 3.50
C LEU A 738 -21.56 -36.04 3.13
N PHE A 739 -20.86 -37.03 3.67
CA PHE A 739 -19.41 -37.10 3.55
C PHE A 739 -19.02 -37.51 2.12
N VAL A 740 -18.22 -36.66 1.47
CA VAL A 740 -18.09 -36.72 0.01
C VAL A 740 -17.42 -38.02 -0.44
N THR A 741 -16.35 -38.43 0.26
CA THR A 741 -15.53 -39.59 -0.07
C THR A 741 -14.68 -39.36 -1.31
N HIS A 742 -13.38 -39.63 -1.20
CA HIS A 742 -12.49 -39.67 -2.35
C HIS A 742 -11.49 -40.82 -2.28
N GLN A 743 -11.49 -41.62 -1.22
CA GLN A 743 -10.62 -42.78 -1.09
C GLN A 743 -11.34 -44.10 -1.22
N LEU A 744 -12.62 -44.15 -0.82
CA LEU A 744 -13.56 -45.26 -0.95
C LEU A 744 -13.43 -46.35 0.12
N GLN A 745 -12.60 -46.18 1.14
CA GLN A 745 -12.66 -47.10 2.28
C GLN A 745 -13.49 -46.55 3.43
N TYR A 746 -14.09 -45.37 3.28
CA TYR A 746 -14.83 -44.75 4.38
C TYR A 746 -16.30 -45.11 4.37
N LEU A 747 -16.76 -45.92 3.42
CA LEU A 747 -18.18 -46.26 3.30
C LEU A 747 -18.45 -47.73 3.58
N VAL A 748 -17.55 -48.42 4.29
CA VAL A 748 -17.78 -49.82 4.61
C VAL A 748 -18.93 -49.96 5.61
N ASP A 749 -19.11 -48.95 6.47
CA ASP A 749 -20.23 -48.91 7.40
C ASP A 749 -21.35 -47.98 6.94
N CYS A 750 -21.25 -47.45 5.72
CA CYS A 750 -22.24 -46.49 5.23
C CYS A 750 -23.58 -47.18 5.00
N ASP A 751 -24.67 -46.44 5.25
CA ASP A 751 -26.01 -47.01 5.12
C ASP A 751 -26.45 -47.12 3.68
N GLU A 752 -26.08 -46.17 2.82
CA GLU A 752 -26.51 -46.19 1.41
C GLU A 752 -25.41 -45.52 0.60
N VAL A 753 -24.80 -46.28 -0.30
CA VAL A 753 -23.71 -45.77 -1.15
C VAL A 753 -24.28 -45.50 -2.54
N ILE A 754 -24.16 -44.25 -2.99
CA ILE A 754 -24.65 -43.84 -4.30
C ILE A 754 -23.46 -43.41 -5.14
N PHE A 755 -23.50 -43.73 -6.43
CA PHE A 755 -22.46 -43.39 -7.39
C PHE A 755 -23.12 -42.71 -8.58
N MET A 756 -22.83 -41.42 -8.76
CA MET A 756 -23.44 -40.62 -9.81
C MET A 756 -22.39 -40.24 -10.85
N LYS A 757 -22.76 -40.38 -12.12
CA LYS A 757 -21.90 -40.02 -13.25
C LYS A 757 -22.69 -39.16 -14.21
N GLU A 758 -22.04 -38.11 -14.73
CA GLU A 758 -22.66 -37.16 -15.65
C GLU A 758 -23.91 -36.52 -15.05
N GLY A 759 -23.90 -36.33 -13.73
CA GLY A 759 -25.03 -35.71 -13.04
C GLY A 759 -26.23 -36.60 -12.84
N CYS A 760 -26.11 -37.90 -13.11
CA CYS A 760 -27.22 -38.83 -12.95
C CYS A 760 -26.79 -39.99 -12.05
N ILE A 761 -27.69 -40.38 -11.14
CA ILE A 761 -27.41 -41.48 -10.22
C ILE A 761 -27.52 -42.81 -10.97
N THR A 762 -26.51 -43.65 -10.81
CA THR A 762 -26.47 -44.95 -11.47
C THR A 762 -26.60 -46.13 -10.53
N GLU A 763 -25.99 -46.06 -9.34
CA GLU A 763 -26.02 -47.14 -8.38
C GLU A 763 -26.48 -46.59 -7.03
N ARG A 764 -27.33 -47.35 -6.34
CA ARG A 764 -27.82 -46.98 -5.01
C ARG A 764 -27.66 -48.16 -4.07
N GLY A 765 -28.21 -48.01 -2.87
CA GLY A 765 -28.13 -49.03 -1.84
C GLY A 765 -26.83 -48.97 -1.08
N THR A 766 -26.68 -49.90 -0.14
CA THR A 766 -25.46 -49.97 0.64
C THR A 766 -24.36 -50.69 -0.15
N HIS A 767 -23.22 -50.90 0.52
CA HIS A 767 -22.00 -51.31 -0.18
C HIS A 767 -22.16 -52.68 -0.83
N GLU A 768 -22.82 -53.62 -0.13
CA GLU A 768 -22.92 -54.99 -0.63
C GLU A 768 -23.44 -55.04 -2.06
N GLU A 769 -24.51 -54.30 -2.35
CA GLU A 769 -24.97 -54.20 -3.73
C GLU A 769 -23.93 -53.52 -4.60
N LEU A 770 -23.13 -52.61 -4.04
CA LEU A 770 -22.14 -51.90 -4.84
C LEU A 770 -21.06 -52.85 -5.37
N MET A 771 -20.58 -53.82 -4.58
CA MET A 771 -19.66 -54.78 -5.20
C MET A 771 -20.38 -55.90 -5.94
N ASN A 772 -21.55 -56.36 -5.46
CA ASN A 772 -22.14 -57.51 -6.14
C ASN A 772 -22.82 -57.13 -7.45
N LEU A 773 -23.01 -55.83 -7.72
CA LEU A 773 -23.57 -55.41 -9.00
C LEU A 773 -22.52 -55.33 -10.10
N ASN A 774 -21.24 -55.35 -9.74
CA ASN A 774 -20.14 -55.29 -10.71
C ASN A 774 -20.24 -54.05 -11.60
N GLY A 775 -20.21 -52.88 -10.94
CA GLY A 775 -20.29 -51.61 -11.62
C GLY A 775 -18.97 -50.87 -11.66
N ASP A 776 -19.05 -49.60 -12.07
CA ASP A 776 -17.86 -48.76 -12.11
C ASP A 776 -17.31 -48.50 -10.72
N TYR A 777 -18.20 -48.38 -9.72
CA TYR A 777 -17.75 -48.16 -8.35
C TYR A 777 -16.91 -49.32 -7.84
N ALA A 778 -17.32 -50.55 -8.15
CA ALA A 778 -16.54 -51.72 -7.75
C ALA A 778 -15.17 -51.72 -8.40
N THR A 779 -15.10 -51.36 -9.69
CA THR A 779 -13.82 -51.29 -10.38
C THR A 779 -12.92 -50.23 -9.76
N ILE A 780 -13.47 -49.07 -9.44
CA ILE A 780 -12.70 -48.00 -8.80
C ILE A 780 -12.18 -48.45 -7.45
N PHE A 781 -13.04 -49.11 -6.66
CA PHE A 781 -12.63 -49.61 -5.35
C PHE A 781 -11.52 -50.64 -5.47
N ASN A 782 -11.64 -51.57 -6.43
CA ASN A 782 -10.60 -52.57 -6.63
C ASN A 782 -9.28 -51.93 -7.05
N ASN A 783 -9.35 -50.96 -7.97
CA ASN A 783 -8.13 -50.28 -8.41
C ASN A 783 -7.47 -49.52 -7.27
N LEU A 784 -8.26 -48.85 -6.44
CA LEU A 784 -7.69 -48.09 -5.34
C LEU A 784 -7.13 -49.01 -4.27
N LEU A 785 -7.76 -50.16 -4.04
CA LEU A 785 -7.20 -51.14 -3.11
C LEU A 785 -5.89 -51.71 -3.64
N LEU A 786 -5.81 -51.98 -4.94
CA LEU A 786 -4.57 -52.46 -5.53
C LEU A 786 -3.47 -51.42 -5.42
N GLY A 787 -3.80 -50.16 -5.69
CA GLY A 787 -2.82 -49.08 -5.61
C GLY A 787 -2.53 -48.64 -4.19
N GLY A 839 6.00 9.59 15.56
CA GLY A 839 6.67 10.24 16.67
C GLY A 839 7.45 11.48 16.26
N SER A 840 8.06 12.14 17.24
CA SER A 840 8.83 13.34 16.96
C SER A 840 10.12 13.00 16.21
N VAL A 841 10.47 13.87 15.26
CA VAL A 841 11.65 13.70 14.43
C VAL A 841 12.77 14.56 15.02
N PRO A 842 13.88 13.97 15.46
CA PRO A 842 14.95 14.76 16.07
C PRO A 842 15.68 15.61 15.03
N TRP A 843 16.57 16.46 15.53
CA TRP A 843 17.32 17.37 14.67
C TRP A 843 18.40 16.66 13.86
N SER A 844 18.71 15.40 14.18
CA SER A 844 19.73 14.68 13.41
C SER A 844 19.30 14.47 11.96
N VAL A 845 18.00 14.22 11.77
CA VAL A 845 17.47 13.93 10.41
C VAL A 845 17.61 15.18 9.53
N TYR A 846 16.89 16.25 9.87
CA TYR A 846 16.97 17.52 9.10
C TYR A 846 18.43 17.78 8.72
N GLY A 847 19.33 17.76 9.70
CA GLY A 847 20.75 18.00 9.44
C GLY A 847 21.32 17.03 8.42
N VAL A 848 21.29 15.72 8.71
CA VAL A 848 21.91 14.72 7.80
C VAL A 848 21.23 14.78 6.43
N TYR A 849 19.92 15.05 6.39
CA TYR A 849 19.18 15.14 5.11
C TYR A 849 19.86 16.23 4.25
N ILE A 850 20.09 17.40 4.84
CA ILE A 850 20.70 18.49 4.11
C ILE A 850 22.18 18.23 3.89
N GLN A 851 22.84 17.60 4.87
CA GLN A 851 24.24 17.22 4.70
C GLN A 851 24.39 16.25 3.54
N ALA A 852 23.47 15.29 3.41
CA ALA A 852 23.49 14.39 2.26
C ALA A 852 23.10 15.11 0.97
N ALA A 853 22.27 16.15 1.08
CA ALA A 853 21.87 16.92 -0.09
C ALA A 853 23.01 17.75 -0.68
N GLY A 854 24.12 17.88 0.02
CA GLY A 854 25.24 18.66 -0.48
C GLY A 854 25.89 19.51 0.58
N GLY A 855 25.35 19.45 1.80
CA GLY A 855 25.87 20.22 2.90
C GLY A 855 25.14 21.53 3.09
N PRO A 856 25.69 22.40 3.94
CA PRO A 856 25.05 23.71 4.16
C PRO A 856 24.97 24.55 2.91
N LEU A 857 25.93 24.40 1.98
CA LEU A 857 25.93 25.24 0.78
C LEU A 857 24.70 24.97 -0.08
N ALA A 858 24.33 23.70 -0.26
CA ALA A 858 23.16 23.38 -1.07
C ALA A 858 21.89 23.93 -0.46
N PHE A 859 21.74 23.79 0.86
CA PHE A 859 20.55 24.32 1.53
C PHE A 859 20.50 25.84 1.43
N LEU A 860 21.65 26.50 1.59
CA LEU A 860 21.70 27.95 1.46
C LEU A 860 21.33 28.40 0.04
N VAL A 861 21.81 27.67 -0.97
CA VAL A 861 21.48 28.01 -2.35
C VAL A 861 19.99 27.83 -2.60
N ILE A 862 19.41 26.73 -2.10
CA ILE A 862 17.99 26.48 -2.29
C ILE A 862 17.16 27.57 -1.61
N MET A 863 17.54 27.93 -0.38
CA MET A 863 16.83 28.98 0.35
C MET A 863 16.94 30.32 -0.36
N ALA A 864 18.12 30.66 -0.86
CA ALA A 864 18.31 31.90 -1.59
C ALA A 864 17.47 31.92 -2.87
N LEU A 865 17.42 30.79 -3.58
CA LEU A 865 16.63 30.73 -4.81
C LEU A 865 15.14 30.86 -4.51
N PHE A 866 14.65 30.22 -3.45
CA PHE A 866 13.25 30.36 -3.08
C PHE A 866 12.93 31.81 -2.69
N MET A 867 13.82 32.44 -1.92
CA MET A 867 13.61 33.84 -1.54
C MET A 867 13.62 34.74 -2.76
N LEU A 868 14.50 34.46 -3.73
CA LEU A 868 14.52 35.25 -4.96
C LEU A 868 13.24 35.04 -5.77
N ASN A 869 12.73 33.81 -5.80
CA ASN A 869 11.49 33.54 -6.51
C ASN A 869 10.32 34.31 -5.90
N VAL A 870 10.25 34.37 -4.57
CA VAL A 870 9.21 35.14 -3.92
C VAL A 870 9.45 36.65 -4.12
N GLY A 871 10.71 37.07 -4.04
CA GLY A 871 11.05 38.47 -4.19
C GLY A 871 10.85 39.01 -5.58
N SER A 872 10.79 38.13 -6.59
CA SER A 872 10.43 38.59 -7.93
C SER A 872 9.02 39.16 -7.94
N THR A 873 8.05 38.39 -7.41
CA THR A 873 6.69 38.91 -7.30
C THR A 873 6.62 40.09 -6.35
N ALA A 874 7.39 40.03 -5.25
CA ALA A 874 7.40 41.14 -4.30
C ALA A 874 7.87 42.44 -4.96
N PHE A 875 8.94 42.35 -5.76
CA PHE A 875 9.45 43.51 -6.46
C PHE A 875 8.52 43.97 -7.58
N SER A 876 7.82 43.03 -8.22
CA SER A 876 6.83 43.44 -9.21
C SER A 876 5.71 44.26 -8.56
N THR A 877 5.21 43.79 -7.41
CA THR A 877 4.19 44.55 -6.69
C THR A 877 4.73 45.89 -6.21
N TRP A 878 5.95 45.91 -5.70
CA TRP A 878 6.55 47.16 -5.24
C TRP A 878 6.75 48.15 -6.37
N TRP A 879 7.15 47.68 -7.56
CA TRP A 879 7.32 48.57 -8.69
C TRP A 879 5.97 49.07 -9.21
N LEU A 880 4.93 48.23 -9.14
CA LEU A 880 3.59 48.71 -9.48
C LEU A 880 3.16 49.82 -8.53
N SER A 881 3.41 49.63 -7.23
CA SER A 881 3.06 50.66 -6.25
C SER A 881 3.87 51.94 -6.50
N TYR A 882 5.15 51.79 -6.83
CA TYR A 882 5.99 52.95 -7.12
C TYR A 882 5.50 53.70 -8.36
N TRP A 883 5.10 52.96 -9.40
CA TRP A 883 4.55 53.59 -10.60
C TRP A 883 3.27 54.34 -10.29
N ILE A 884 2.40 53.74 -9.46
CA ILE A 884 1.17 54.41 -9.08
C ILE A 884 1.46 55.68 -8.29
N LYS A 885 2.41 55.61 -7.34
CA LYS A 885 2.66 56.73 -6.46
C LYS A 885 3.42 57.86 -7.15
N GLN A 886 4.25 57.53 -8.16
CA GLN A 886 5.12 58.53 -8.77
C GLN A 886 4.33 59.65 -9.44
N GLY A 887 3.12 59.37 -9.92
CA GLY A 887 2.37 60.41 -10.59
C GLY A 887 2.90 60.69 -11.98
N SER A 888 2.55 61.87 -12.50
CA SER A 888 2.94 62.27 -13.85
C SER A 888 4.24 63.07 -13.84
N GLY A 889 5.27 62.55 -13.15
CA GLY A 889 6.58 63.16 -13.17
C GLY A 889 6.64 64.57 -12.64
N ASN A 890 5.60 64.98 -11.90
CA ASN A 890 5.49 66.34 -11.37
C ASN A 890 5.60 67.39 -12.48
N THR A 891 4.96 67.10 -13.60
CA THR A 891 4.93 68.02 -14.74
C THR A 891 3.53 68.61 -14.90
N THR A 892 3.45 69.71 -15.65
CA THR A 892 2.21 70.43 -15.88
C THR A 892 1.74 70.16 -17.31
N VAL A 893 0.46 69.83 -17.47
CA VAL A 893 -0.14 69.57 -18.76
C VAL A 893 -1.21 70.61 -19.02
N THR A 894 -1.22 71.14 -20.25
CA THR A 894 -2.17 72.19 -20.63
C THR A 894 -3.50 71.56 -20.99
N ARG A 895 -4.50 71.71 -20.12
CA ARG A 895 -5.85 71.21 -20.34
C ARG A 895 -6.81 72.30 -20.77
N GLY A 896 -6.30 73.33 -21.46
CA GLY A 896 -7.13 74.44 -21.89
C GLY A 896 -6.63 75.77 -21.35
N ASN A 897 -7.47 76.43 -20.55
CA ASN A 897 -7.10 77.70 -19.93
C ASN A 897 -6.53 77.54 -18.54
N GLU A 898 -6.40 76.31 -18.05
CA GLU A 898 -5.87 76.03 -16.72
C GLU A 898 -4.64 75.15 -16.84
N THR A 899 -3.61 75.45 -16.04
CA THR A 899 -2.36 74.70 -16.03
C THR A 899 -1.92 74.56 -14.57
N SER A 900 -2.28 73.42 -13.96
CA SER A 900 -1.93 73.14 -12.56
C SER A 900 -1.58 71.65 -12.48
N VAL A 901 -0.28 71.35 -12.63
CA VAL A 901 0.31 70.01 -12.64
C VAL A 901 -0.64 68.96 -13.21
N SER A 902 -0.61 67.76 -12.64
CA SER A 902 -1.48 66.67 -13.07
C SER A 902 -1.48 65.60 -11.99
N ASP A 903 -2.45 64.68 -12.09
CA ASP A 903 -2.58 63.57 -11.15
C ASP A 903 -2.92 62.28 -11.87
N SER A 904 -2.57 62.17 -13.15
CA SER A 904 -2.85 60.99 -13.96
C SER A 904 -1.54 60.40 -14.45
N MET A 905 -1.40 59.08 -14.33
CA MET A 905 -0.16 58.41 -14.73
C MET A 905 0.07 58.48 -16.23
N LYS A 906 -0.96 58.76 -17.03
CA LYS A 906 -0.80 58.82 -18.47
C LYS A 906 0.07 59.99 -18.91
N ASP A 907 0.21 61.02 -18.08
CA ASP A 907 1.00 62.20 -18.41
C ASP A 907 2.46 62.08 -17.98
N ASN A 908 2.86 60.96 -17.40
CA ASN A 908 4.24 60.77 -16.99
C ASN A 908 5.13 60.61 -18.22
N PRO A 909 6.15 61.45 -18.41
CA PRO A 909 7.02 61.28 -19.58
C PRO A 909 7.72 59.93 -19.63
N HIS A 910 8.12 59.39 -18.48
CA HIS A 910 8.81 58.10 -18.44
C HIS A 910 7.82 56.95 -18.20
N MET A 911 6.78 56.88 -19.03
CA MET A 911 5.79 55.81 -18.90
C MET A 911 6.27 54.55 -19.61
N GLN A 912 6.88 54.70 -20.78
CA GLN A 912 7.42 53.55 -21.49
C GLN A 912 8.52 52.87 -20.70
N TYR A 913 9.34 53.65 -19.99
CA TYR A 913 10.37 53.07 -19.14
C TYR A 913 9.76 52.20 -18.05
N TYR A 914 8.71 52.69 -17.39
CA TYR A 914 8.05 51.91 -16.36
C TYR A 914 7.40 50.65 -16.94
N ALA A 915 6.78 50.76 -18.11
CA ALA A 915 6.18 49.58 -18.75
C ALA A 915 7.24 48.54 -19.09
N SER A 916 8.38 48.99 -19.63
CA SER A 916 9.46 48.07 -19.96
C SER A 916 10.02 47.40 -18.71
N ILE A 917 10.16 48.16 -17.63
CA ILE A 917 10.66 47.58 -16.39
C ILE A 917 9.65 46.57 -15.83
N TYR A 918 8.35 46.85 -15.95
CA TYR A 918 7.34 45.91 -15.51
C TYR A 918 7.40 44.61 -16.31
N ALA A 919 7.53 44.72 -17.63
CA ALA A 919 7.66 43.53 -18.47
C ALA A 919 8.94 42.75 -18.15
N LEU A 920 10.05 43.46 -17.92
CA LEU A 920 11.29 42.79 -17.55
C LEU A 920 11.16 42.11 -16.19
N SER A 921 10.41 42.72 -15.26
CA SER A 921 10.18 42.08 -13.96
C SER A 921 9.37 40.79 -14.13
N MET A 922 8.36 40.81 -14.99
CA MET A 922 7.61 39.58 -15.26
C MET A 922 8.51 38.51 -15.86
N ALA A 923 9.35 38.89 -16.83
CA ALA A 923 10.25 37.94 -17.45
C ALA A 923 11.24 37.37 -16.44
N VAL A 924 11.77 38.23 -15.56
CA VAL A 924 12.72 37.78 -14.55
C VAL A 924 12.03 36.85 -13.55
N MET A 925 10.77 37.15 -13.20
CA MET A 925 10.04 36.26 -12.31
C MET A 925 9.84 34.88 -12.95
N LEU A 926 9.48 34.86 -14.23
CA LEU A 926 9.33 33.57 -14.92
C LEU A 926 10.66 32.81 -14.98
N ILE A 927 11.75 33.52 -15.27
CA ILE A 927 13.05 32.87 -15.35
C ILE A 927 13.45 32.30 -13.99
N LEU A 928 13.22 33.07 -12.92
CA LEU A 928 13.54 32.61 -11.58
C LEU A 928 12.70 31.40 -11.19
N LYS A 929 11.41 31.41 -11.55
CA LYS A 929 10.56 30.25 -11.27
C LYS A 929 11.07 29.02 -11.99
N ALA A 930 11.46 29.17 -13.27
CA ALA A 930 11.99 28.03 -14.01
C ALA A 930 13.29 27.52 -13.40
N ILE A 931 14.17 28.45 -12.99
CA ILE A 931 15.45 28.07 -12.39
C ILE A 931 15.21 27.32 -11.07
N ARG A 932 14.29 27.83 -10.25
CA ARG A 932 13.97 27.14 -9.00
C ARG A 932 13.41 25.75 -9.28
N GLY A 933 12.51 25.64 -10.26
CA GLY A 933 11.94 24.34 -10.59
C GLY A 933 12.98 23.34 -11.06
N VAL A 934 13.95 23.81 -11.84
CA VAL A 934 14.97 22.89 -12.37
C VAL A 934 16.12 22.65 -11.40
N VAL A 935 16.25 23.46 -10.35
CA VAL A 935 17.34 23.31 -9.40
C VAL A 935 16.91 22.56 -8.14
N PHE A 936 15.74 22.89 -7.59
CA PHE A 936 15.30 22.26 -6.35
C PHE A 936 15.07 20.77 -6.53
N VAL A 937 14.55 20.37 -7.69
CA VAL A 937 14.33 18.95 -7.96
C VAL A 937 15.65 18.20 -7.97
N LYS A 938 16.67 18.75 -8.63
CA LYS A 938 17.98 18.13 -8.64
C LYS A 938 18.56 18.07 -7.23
N GLY A 939 18.40 19.15 -6.46
CA GLY A 939 18.92 19.16 -5.11
C GLY A 939 18.28 18.13 -4.20
N THR A 940 16.97 17.95 -4.32
CA THR A 940 16.26 16.97 -3.51
C THR A 940 16.40 15.54 -4.03
N LEU A 941 16.78 15.37 -5.30
CA LEU A 941 16.96 14.04 -5.86
C LEU A 941 18.38 13.52 -5.67
N ARG A 942 19.38 14.40 -5.67
CA ARG A 942 20.75 13.95 -5.42
C ARG A 942 20.92 13.43 -4.01
N ALA A 943 20.19 14.00 -3.04
CA ALA A 943 20.24 13.48 -1.68
C ALA A 943 19.70 12.06 -1.62
N SER A 944 18.56 11.81 -2.29
CA SER A 944 17.99 10.47 -2.32
C SER A 944 18.92 9.49 -3.02
N SER A 945 19.54 9.92 -4.13
CA SER A 945 20.45 9.05 -4.85
C SER A 945 21.66 8.70 -3.99
N ARG A 946 22.24 9.68 -3.32
CA ARG A 946 23.40 9.43 -2.46
C ARG A 946 23.03 8.52 -1.30
N LEU A 947 21.86 8.74 -0.68
CA LEU A 947 21.43 7.89 0.43
C LEU A 947 21.22 6.46 -0.04
N HIS A 948 20.58 6.28 -1.19
CA HIS A 948 20.37 4.93 -1.71
C HIS A 948 21.68 4.24 -2.04
N ASP A 949 22.61 4.97 -2.66
CA ASP A 949 23.92 4.39 -2.98
C ASP A 949 24.67 3.97 -1.72
N GLU A 950 24.67 4.85 -0.71
CA GLU A 950 25.36 4.52 0.54
C GLU A 950 24.72 3.33 1.23
N LEU A 951 23.38 3.28 1.26
CA LEU A 951 22.69 2.17 1.89
C LEU A 951 22.99 0.86 1.17
N PHE A 952 22.98 0.87 -0.16
CA PHE A 952 23.30 -0.33 -0.91
C PHE A 952 24.74 -0.77 -0.67
N ARG A 953 25.67 0.19 -0.66
CA ARG A 953 27.08 -0.15 -0.45
C ARG A 953 27.30 -0.75 0.93
N ARG A 954 26.64 -0.21 1.96
CA ARG A 954 26.83 -0.73 3.30
C ARG A 954 26.10 -2.06 3.50
N ILE A 955 24.95 -2.25 2.86
CA ILE A 955 24.21 -3.51 3.00
C ILE A 955 24.96 -4.64 2.29
N LEU A 956 25.44 -4.38 1.07
CA LEU A 956 26.16 -5.42 0.33
C LEU A 956 27.46 -5.81 1.00
N ARG A 957 28.12 -4.89 1.71
CA ARG A 957 29.35 -5.18 2.43
C ARG A 957 29.12 -5.63 3.86
N SER A 958 27.87 -5.62 4.33
CA SER A 958 27.59 -6.01 5.71
C SER A 958 27.71 -7.52 5.88
N PRO A 959 28.22 -7.97 7.02
CA PRO A 959 28.20 -9.41 7.33
C PRO A 959 26.85 -10.04 7.09
N MET A 960 26.87 -11.35 6.84
CA MET A 960 25.64 -12.10 6.61
C MET A 960 24.77 -12.19 7.85
N LYS A 961 25.35 -11.99 9.04
CA LYS A 961 24.58 -12.06 10.28
C LYS A 961 23.47 -11.01 10.29
N PHE A 962 23.71 -9.85 9.67
CA PHE A 962 22.66 -8.85 9.56
C PHE A 962 21.48 -9.39 8.77
N PHE A 963 21.76 -10.23 7.76
CA PHE A 963 20.67 -10.83 7.00
C PHE A 963 19.99 -11.97 7.75
N ASP A 964 20.75 -12.77 8.51
CA ASP A 964 20.10 -13.86 9.26
C ASP A 964 19.21 -13.32 10.37
N THR A 965 19.67 -12.31 11.12
CA THR A 965 18.82 -11.78 12.18
C THR A 965 17.70 -10.91 11.65
N THR A 966 18.03 -9.83 10.94
CA THR A 966 16.99 -8.94 10.41
C THR A 966 16.28 -9.61 9.24
N PRO A 967 14.95 -9.54 9.20
CA PRO A 967 14.20 -10.18 8.11
C PRO A 967 14.47 -9.53 6.77
N THR A 968 14.37 -10.34 5.72
CA THR A 968 14.58 -9.84 4.36
C THR A 968 13.54 -8.80 3.98
N GLY A 969 12.28 -9.04 4.34
CA GLY A 969 11.23 -8.09 4.01
C GLY A 969 11.44 -6.75 4.70
N ARG A 970 11.96 -6.76 5.92
CA ARG A 970 12.25 -5.51 6.61
C ARG A 970 13.28 -4.68 5.87
N ILE A 971 14.33 -5.33 5.36
CA ILE A 971 15.35 -4.63 4.58
C ILE A 971 14.76 -4.13 3.27
N LEU A 972 13.95 -4.97 2.61
CA LEU A 972 13.37 -4.59 1.33
C LEU A 972 12.40 -3.43 1.47
N ASN A 973 11.77 -3.29 2.65
CA ASN A 973 10.84 -2.19 2.87
C ASN A 973 11.53 -0.83 2.77
N ARG A 974 12.83 -0.77 3.04
CA ARG A 974 13.57 0.49 2.94
C ARG A 974 13.89 0.87 1.50
N PHE A 975 13.71 -0.05 0.54
CA PHE A 975 13.98 0.22 -0.85
C PHE A 975 12.73 0.29 -1.72
N SER A 976 11.60 -0.20 -1.24
CA SER A 976 10.35 -0.21 -2.00
C SER A 976 9.37 0.84 -1.53
N LYS A 977 9.25 1.07 -0.22
CA LYS A 977 8.34 2.07 0.33
C LYS A 977 9.06 3.34 0.77
N ASP A 978 10.09 3.19 1.62
CA ASP A 978 10.81 4.36 2.10
C ASP A 978 11.51 5.09 0.96
N MET A 979 12.16 4.36 0.06
CA MET A 979 12.85 4.97 -1.07
C MET A 979 11.90 5.68 -2.02
N ASP A 980 10.77 5.06 -2.37
CA ASP A 980 9.77 5.70 -3.21
C ASP A 980 9.13 6.92 -2.55
N GLU A 981 8.84 6.84 -1.25
CA GLU A 981 8.34 8.01 -0.54
C GLU A 981 9.34 9.15 -0.57
N VAL A 982 10.59 8.86 -0.22
CA VAL A 982 11.65 9.88 -0.24
C VAL A 982 11.81 10.49 -1.62
N ASP A 983 11.53 9.73 -2.68
CA ASP A 983 11.72 10.21 -4.04
C ASP A 983 10.56 11.07 -4.54
N VAL A 984 9.33 10.69 -4.21
CA VAL A 984 8.17 11.30 -4.86
C VAL A 984 7.28 12.10 -3.92
N ARG A 985 7.19 11.77 -2.63
CA ARG A 985 6.20 12.41 -1.76
C ARG A 985 6.80 13.51 -0.89
N LEU A 986 7.87 13.22 -0.16
CA LEU A 986 8.44 14.21 0.77
C LEU A 986 8.91 15.47 0.08
N PRO A 987 9.68 15.42 -1.02
CA PRO A 987 10.08 16.70 -1.67
C PRO A 987 8.90 17.51 -2.15
N ALA A 988 7.83 16.85 -2.60
CA ALA A 988 6.65 17.58 -3.07
C ALA A 988 6.04 18.43 -1.97
N GLN A 989 5.84 17.84 -0.78
CA GLN A 989 5.28 18.61 0.33
C GLN A 989 6.28 19.64 0.86
N ALA A 990 7.57 19.28 0.86
CA ALA A 990 8.59 20.20 1.37
C ALA A 990 8.67 21.46 0.52
N GLU A 991 8.53 21.32 -0.80
CA GLU A 991 8.59 22.48 -1.68
C GLU A 991 7.46 23.46 -1.37
N MET A 992 6.23 22.95 -1.23
CA MET A 992 5.11 23.83 -0.91
C MET A 992 5.27 24.44 0.49
N PHE A 993 5.78 23.66 1.45
CA PHE A 993 5.98 24.19 2.79
C PHE A 993 6.97 25.35 2.78
N ILE A 994 8.10 25.17 2.10
CA ILE A 994 9.11 26.22 2.04
C ILE A 994 8.58 27.43 1.29
N GLN A 995 7.87 27.21 0.18
CA GLN A 995 7.32 28.33 -0.57
C GLN A 995 6.33 29.12 0.26
N ASN A 996 5.44 28.43 0.98
CA ASN A 996 4.46 29.13 1.82
C ASN A 996 5.15 29.89 2.93
N VAL A 997 6.16 29.29 3.57
CA VAL A 997 6.85 29.95 4.67
C VAL A 997 7.54 31.22 4.16
N ILE A 998 8.24 31.12 3.04
CA ILE A 998 8.95 32.28 2.51
C ILE A 998 7.98 33.36 2.05
N LEU A 999 6.86 32.96 1.43
CA LEU A 999 5.86 33.94 1.01
C LEU A 999 5.26 34.67 2.20
N VAL A 1000 4.95 33.93 3.27
CA VAL A 1000 4.38 34.55 4.47
C VAL A 1000 5.39 35.52 5.09
N PHE A 1001 6.65 35.10 5.18
CA PHE A 1001 7.67 35.97 5.76
C PHE A 1001 7.84 37.25 4.94
N PHE A 1002 7.90 37.10 3.60
CA PHE A 1002 8.07 38.27 2.75
C PHE A 1002 6.87 39.21 2.84
N CYS A 1003 5.65 38.65 2.86
CA CYS A 1003 4.46 39.48 2.96
C CYS A 1003 4.43 40.24 4.29
N VAL A 1004 4.76 39.55 5.38
CA VAL A 1004 4.77 40.19 6.69
C VAL A 1004 5.82 41.29 6.74
N GLY A 1005 7.02 41.01 6.21
CA GLY A 1005 8.07 42.02 6.22
C GLY A 1005 7.71 43.25 5.40
N MET A 1006 7.13 43.04 4.22
CA MET A 1006 6.78 44.17 3.37
C MET A 1006 5.60 44.96 3.97
N ILE A 1007 4.65 44.27 4.60
CA ILE A 1007 3.55 44.97 5.27
C ILE A 1007 4.08 45.82 6.42
N ALA A 1008 5.01 45.26 7.21
CA ALA A 1008 5.60 46.02 8.29
C ALA A 1008 6.49 47.17 7.80
N GLY A 1009 7.05 47.03 6.59
CA GLY A 1009 7.86 48.11 6.05
C GLY A 1009 7.06 49.37 5.78
N VAL A 1010 5.84 49.21 5.26
CA VAL A 1010 5.00 50.36 4.95
C VAL A 1010 4.60 51.09 6.24
N PHE A 1011 4.12 50.33 7.23
CA PHE A 1011 3.74 50.89 8.53
C PHE A 1011 4.64 50.29 9.60
N PRO A 1012 5.57 51.06 10.15
CA PRO A 1012 6.53 50.50 11.13
C PRO A 1012 5.90 50.27 12.50
N TRP A 1013 4.72 49.66 12.52
CA TRP A 1013 4.07 49.28 13.77
C TRP A 1013 3.40 47.92 13.71
N PHE A 1014 3.66 47.11 12.68
CA PHE A 1014 3.05 45.80 12.57
C PHE A 1014 3.68 44.78 13.51
N LEU A 1015 4.96 44.96 13.86
CA LEU A 1015 5.65 43.99 14.70
C LEU A 1015 5.03 43.91 16.09
N VAL A 1016 4.71 45.05 16.69
CA VAL A 1016 4.15 45.06 18.03
C VAL A 1016 2.75 44.42 18.04
N ALA A 1017 1.97 44.62 16.99
CA ALA A 1017 0.65 43.99 16.89
C ALA A 1017 0.74 42.50 16.57
N VAL A 1018 1.78 42.08 15.86
CA VAL A 1018 1.88 40.67 15.48
C VAL A 1018 2.60 39.82 16.53
N GLY A 1019 3.39 40.43 17.41
CA GLY A 1019 4.11 39.69 18.42
C GLY A 1019 3.22 38.83 19.29
N PRO A 1020 2.24 39.46 19.96
CA PRO A 1020 1.24 38.64 20.68
C PRO A 1020 0.52 37.65 19.77
N LEU A 1021 0.27 38.04 18.51
CA LEU A 1021 -0.39 37.12 17.60
C LEU A 1021 0.53 35.97 17.20
N VAL A 1022 1.83 36.23 17.06
CA VAL A 1022 2.77 35.14 16.81
C VAL A 1022 2.84 34.20 18.00
N ILE A 1023 2.82 34.76 19.22
CA ILE A 1023 2.79 33.93 20.42
C ILE A 1023 1.52 33.08 20.45
N LEU A 1024 0.38 33.67 20.09
CA LEU A 1024 -0.86 32.92 20.04
C LEU A 1024 -0.80 31.81 19.00
N PHE A 1025 -0.20 32.09 17.84
CA PHE A 1025 -0.05 31.06 16.82
C PHE A 1025 0.84 29.92 17.30
N SER A 1026 1.93 30.25 18.00
CA SER A 1026 2.80 29.21 18.54
C SER A 1026 2.08 28.38 19.59
N VAL A 1027 1.29 29.03 20.45
CA VAL A 1027 0.51 28.31 21.46
C VAL A 1027 -0.50 27.39 20.78
N LEU A 1028 -1.16 27.88 19.72
CA LEU A 1028 -2.09 27.06 18.98
C LEU A 1028 -1.40 25.85 18.36
N HIS A 1029 -0.21 26.06 17.78
CA HIS A 1029 0.51 24.96 17.15
C HIS A 1029 0.93 23.91 18.18
N ILE A 1030 1.44 24.33 19.33
CA ILE A 1030 1.86 23.36 20.33
C ILE A 1030 0.66 22.66 20.96
N VAL A 1031 -0.48 23.36 21.08
CA VAL A 1031 -1.68 22.75 21.64
C VAL A 1031 -2.25 21.72 20.67
N SER A 1032 -2.27 22.04 19.38
CA SER A 1032 -2.91 21.19 18.39
C SER A 1032 -1.89 20.23 17.78
N ARG A 1033 -2.34 19.47 16.77
CA ARG A 1033 -1.63 18.49 15.95
C ARG A 1033 -1.32 17.22 16.75
N VAL A 1034 -1.47 17.28 18.07
CA VAL A 1034 -1.32 16.09 18.89
C VAL A 1034 -2.58 15.24 18.85
N LEU A 1035 -3.74 15.87 19.00
CA LEU A 1035 -5.01 15.20 18.77
C LEU A 1035 -5.22 14.81 17.32
N ILE A 1036 -4.40 15.35 16.41
CA ILE A 1036 -4.44 14.94 15.00
C ILE A 1036 -3.61 13.70 14.76
N ARG A 1037 -2.37 13.70 15.28
CA ARG A 1037 -1.53 12.51 15.17
C ARG A 1037 -2.17 11.32 15.89
N GLU A 1038 -2.68 11.55 17.10
CA GLU A 1038 -3.34 10.48 17.85
C GLU A 1038 -4.62 10.02 17.17
N LEU A 1039 -5.41 10.93 16.60
CA LEU A 1039 -6.61 10.52 15.88
C LEU A 1039 -6.27 9.70 14.64
N LYS A 1040 -5.23 10.09 13.91
CA LYS A 1040 -4.80 9.28 12.77
C LYS A 1040 -4.32 7.91 13.20
N ARG A 1041 -3.56 7.82 14.29
CA ARG A 1041 -3.12 6.53 14.79
C ARG A 1041 -4.31 5.67 15.21
N LEU A 1042 -5.29 6.27 15.88
CA LEU A 1042 -6.49 5.53 16.27
C LEU A 1042 -7.26 5.05 15.05
N ASP A 1043 -7.35 5.90 14.02
CA ASP A 1043 -8.03 5.50 12.79
C ASP A 1043 -7.32 4.32 12.14
N ASN A 1044 -5.98 4.34 12.11
CA ASN A 1044 -5.24 3.22 11.54
C ASN A 1044 -5.42 1.94 12.34
N ILE A 1045 -5.34 2.04 13.67
CA ILE A 1045 -5.46 0.86 14.52
C ILE A 1045 -6.89 0.41 14.74
N THR A 1046 -7.86 1.15 14.22
CA THR A 1046 -9.24 0.68 14.13
C THR A 1046 -9.60 0.18 12.75
N GLN A 1047 -8.94 0.68 11.69
CA GLN A 1047 -9.10 0.17 10.35
C GLN A 1047 -8.38 -1.15 10.12
N SER A 1048 -7.28 -1.41 10.83
CA SER A 1048 -6.68 -2.74 10.76
C SER A 1048 -7.63 -3.83 11.25
N PRO A 1049 -8.31 -3.70 12.40
CA PRO A 1049 -9.39 -4.65 12.71
C PRO A 1049 -10.56 -4.56 11.75
N PHE A 1050 -10.71 -3.46 11.01
CA PHE A 1050 -11.71 -3.39 9.97
C PHE A 1050 -11.32 -4.23 8.77
N LEU A 1051 -10.03 -4.25 8.42
CA LEU A 1051 -9.53 -5.21 7.43
C LEU A 1051 -9.68 -6.64 7.94
N SER A 1052 -9.49 -6.84 9.24
CA SER A 1052 -9.92 -8.09 9.86
C SER A 1052 -11.44 -8.18 9.79
N HIS A 1053 -11.94 -9.41 9.72
CA HIS A 1053 -13.35 -9.73 9.52
C HIS A 1053 -13.84 -9.30 8.13
N ILE A 1054 -12.97 -8.69 7.32
CA ILE A 1054 -13.29 -8.36 5.92
C ILE A 1054 -12.52 -9.27 4.97
N THR A 1055 -11.18 -9.32 5.11
CA THR A 1055 -10.42 -10.23 4.27
C THR A 1055 -10.82 -11.68 4.53
N SER A 1056 -11.00 -12.05 5.79
CA SER A 1056 -11.47 -13.39 6.12
C SER A 1056 -12.86 -13.64 5.55
N SER A 1057 -13.75 -12.65 5.64
CA SER A 1057 -15.11 -12.81 5.14
C SER A 1057 -15.16 -13.02 3.62
N ILE A 1058 -14.40 -12.23 2.86
CA ILE A 1058 -14.34 -12.44 1.41
C ILE A 1058 -13.64 -13.75 1.07
N GLN A 1059 -12.59 -14.12 1.82
CA GLN A 1059 -11.87 -15.36 1.53
C GLN A 1059 -12.79 -16.57 1.65
N GLY A 1060 -13.62 -16.62 2.67
CA GLY A 1060 -14.56 -17.72 2.84
C GLY A 1060 -16.00 -17.27 2.94
N LEU A 1061 -16.82 -17.64 1.96
CA LEU A 1061 -18.22 -17.26 1.92
C LEU A 1061 -19.17 -18.46 1.92
N ALA A 1062 -18.76 -19.59 1.35
CA ALA A 1062 -19.62 -20.77 1.33
C ALA A 1062 -19.90 -21.28 2.74
N THR A 1063 -18.89 -21.28 3.60
CA THR A 1063 -19.08 -21.72 4.98
C THR A 1063 -20.04 -20.80 5.71
N ILE A 1064 -19.91 -19.49 5.51
CA ILE A 1064 -20.80 -18.54 6.18
C ILE A 1064 -22.24 -18.72 5.68
N HIS A 1065 -22.40 -18.86 4.36
CA HIS A 1065 -23.73 -19.01 3.80
C HIS A 1065 -24.40 -20.30 4.25
N ALA A 1066 -23.65 -21.40 4.28
CA ALA A 1066 -24.22 -22.69 4.69
C ALA A 1066 -24.62 -22.66 6.15
N TYR A 1067 -23.80 -22.06 7.01
CA TYR A 1067 -24.10 -22.02 8.43
C TYR A 1067 -25.15 -20.98 8.78
N ASN A 1068 -25.57 -20.15 7.82
CA ASN A 1068 -26.59 -19.12 8.01
C ASN A 1068 -26.18 -18.07 9.04
N LYS A 1069 -24.88 -17.92 9.28
CA LYS A 1069 -24.37 -16.91 10.20
C LYS A 1069 -24.02 -15.62 9.46
N GLY A 1070 -24.98 -15.10 8.70
CA GLY A 1070 -24.76 -13.88 7.94
C GLY A 1070 -25.28 -12.65 8.65
N GLN A 1071 -25.96 -12.84 9.77
CA GLN A 1071 -26.51 -11.71 10.53
C GLN A 1071 -25.54 -11.22 11.60
N GLU A 1072 -24.98 -12.14 12.40
CA GLU A 1072 -23.99 -11.73 13.40
C GLU A 1072 -22.71 -11.20 12.73
N PHE A 1073 -22.34 -11.77 11.58
CA PHE A 1073 -21.19 -11.25 10.84
C PHE A 1073 -21.44 -9.82 10.38
N LEU A 1074 -22.65 -9.56 9.87
CA LEU A 1074 -22.99 -8.21 9.44
C LEU A 1074 -23.03 -7.25 10.62
N HIS A 1075 -23.55 -7.69 11.76
CA HIS A 1075 -23.58 -6.85 12.94
C HIS A 1075 -22.18 -6.50 13.42
N ARG A 1076 -21.28 -7.49 13.44
CA ARG A 1076 -19.90 -7.23 13.82
C ARG A 1076 -19.22 -6.29 12.84
N TYR A 1077 -19.51 -6.47 11.54
CA TYR A 1077 -18.96 -5.57 10.53
C TYR A 1077 -19.44 -4.14 10.73
N GLN A 1078 -20.72 -3.97 11.04
CA GLN A 1078 -21.27 -2.64 11.29
C GLN A 1078 -20.65 -2.01 12.53
N GLU A 1079 -20.45 -2.81 13.58
CA GLU A 1079 -19.81 -2.29 14.79
C GLU A 1079 -18.38 -1.84 14.50
N LEU A 1080 -17.63 -2.65 13.76
CA LEU A 1080 -16.27 -2.26 13.40
C LEU A 1080 -16.26 -1.02 12.52
N LEU A 1081 -17.22 -0.91 11.60
CA LEU A 1081 -17.32 0.26 10.74
C LEU A 1081 -17.59 1.51 11.55
N ASP A 1082 -18.48 1.42 12.54
CA ASP A 1082 -18.78 2.59 13.38
C ASP A 1082 -17.57 2.98 14.22
N ASP A 1083 -16.92 2.00 14.85
CA ASP A 1083 -15.77 2.30 15.70
C ASP A 1083 -14.54 2.72 14.90
N ASN A 1084 -14.54 2.49 13.59
CA ASN A 1084 -13.48 3.03 12.74
C ASN A 1084 -13.85 4.39 12.16
N GLN A 1085 -15.13 4.62 11.90
CA GLN A 1085 -15.57 5.88 11.31
C GLN A 1085 -15.60 7.02 12.32
N ALA A 1086 -15.91 6.73 13.58
CA ALA A 1086 -15.91 7.79 14.60
C ALA A 1086 -14.56 8.48 14.73
N PRO A 1087 -13.44 7.79 14.89
CA PRO A 1087 -12.14 8.49 14.85
C PRO A 1087 -11.88 9.19 13.54
N PHE A 1088 -12.31 8.62 12.41
CA PHE A 1088 -12.14 9.29 11.13
C PHE A 1088 -12.94 10.58 11.07
N PHE A 1089 -14.18 10.55 11.57
CA PHE A 1089 -14.99 11.77 11.61
C PHE A 1089 -14.36 12.82 12.50
N LEU A 1090 -13.84 12.41 13.66
CA LEU A 1090 -13.18 13.35 14.55
C LEU A 1090 -11.94 13.96 13.90
N ALA A 1091 -11.15 13.13 13.21
CA ALA A 1091 -9.96 13.63 12.53
C ALA A 1091 -10.33 14.61 11.42
N THR A 1092 -11.38 14.31 10.66
CA THR A 1092 -11.82 15.24 9.62
C THR A 1092 -12.29 16.56 10.23
N CYS A 1093 -13.02 16.49 11.34
CA CYS A 1093 -13.48 17.72 11.99
C CYS A 1093 -12.33 18.51 12.61
N ALA A 1094 -11.25 17.83 12.97
CA ALA A 1094 -10.11 18.52 13.58
C ALA A 1094 -9.47 19.52 12.62
N MET A 1095 -9.42 19.17 11.33
CA MET A 1095 -8.84 20.08 10.35
C MET A 1095 -9.61 21.39 10.29
N ARG A 1096 -10.94 21.32 10.23
CA ARG A 1096 -11.75 22.53 10.21
C ARG A 1096 -11.71 23.26 11.55
N TRP A 1097 -11.59 22.52 12.65
CA TRP A 1097 -11.45 23.15 13.95
C TRP A 1097 -10.18 24.00 14.03
N LEU A 1098 -9.07 23.46 13.50
CA LEU A 1098 -7.82 24.22 13.46
C LEU A 1098 -7.92 25.38 12.46
N ALA A 1099 -8.62 25.16 11.35
CA ALA A 1099 -8.77 26.21 10.34
C ALA A 1099 -9.55 27.40 10.89
N VAL A 1100 -10.57 27.14 11.71
CA VAL A 1100 -11.35 28.22 12.31
C VAL A 1100 -10.45 29.08 13.21
N ARG A 1101 -9.65 28.44 14.05
CA ARG A 1101 -8.79 29.18 14.96
C ARG A 1101 -7.68 29.91 14.20
N LEU A 1102 -7.20 29.36 13.08
CA LEU A 1102 -6.19 30.06 12.30
C LEU A 1102 -6.80 31.24 11.53
N ASP A 1103 -8.05 31.10 11.09
CA ASP A 1103 -8.76 32.25 10.53
C ASP A 1103 -8.99 33.33 11.58
N LEU A 1104 -9.19 32.92 12.83
CA LEU A 1104 -9.33 33.90 13.92
C LEU A 1104 -8.08 34.77 14.04
N ILE A 1105 -6.94 34.27 13.56
CA ILE A 1105 -5.71 35.07 13.54
C ILE A 1105 -5.57 35.82 12.21
N SER A 1106 -5.96 35.18 11.10
CA SER A 1106 -5.82 35.82 9.79
C SER A 1106 -6.70 37.06 9.68
N ILE A 1107 -7.98 36.94 10.02
CA ILE A 1107 -8.87 38.10 9.96
C ILE A 1107 -8.45 39.15 10.99
N ALA A 1108 -7.89 38.73 12.12
CA ALA A 1108 -7.38 39.69 13.08
C ALA A 1108 -6.23 40.49 12.49
N LEU A 1109 -5.32 39.82 11.78
CA LEU A 1109 -4.22 40.52 11.11
C LEU A 1109 -4.75 41.48 10.05
N ILE A 1110 -5.75 41.05 9.27
CA ILE A 1110 -6.30 41.92 8.24
C ILE A 1110 -6.97 43.13 8.87
N THR A 1111 -7.70 42.94 9.97
CA THR A 1111 -8.34 44.06 10.65
C THR A 1111 -7.29 45.03 11.22
N THR A 1112 -6.21 44.50 11.77
CA THR A 1112 -5.14 45.36 12.26
C THR A 1112 -4.51 46.16 11.13
N THR A 1113 -4.29 45.52 9.97
CA THR A 1113 -3.76 46.23 8.82
C THR A 1113 -4.69 47.33 8.35
N GLY A 1114 -6.00 47.04 8.30
CA GLY A 1114 -6.96 48.05 7.90
C GLY A 1114 -7.03 49.21 8.89
N LEU A 1115 -6.94 48.91 10.19
CA LEU A 1115 -6.93 49.97 11.20
C LEU A 1115 -5.69 50.83 11.06
N MET A 1116 -4.54 50.21 10.81
CA MET A 1116 -3.33 50.99 10.57
C MET A 1116 -3.45 51.86 9.33
N ILE A 1117 -4.09 51.34 8.28
CA ILE A 1117 -4.29 52.11 7.05
C ILE A 1117 -5.18 53.32 7.31
N VAL A 1118 -6.31 53.11 7.99
CA VAL A 1118 -7.26 54.22 8.19
C VAL A 1118 -6.70 55.24 9.17
N LEU A 1119 -6.02 54.80 10.22
CA LEU A 1119 -5.49 55.74 11.21
C LEU A 1119 -4.45 56.67 10.59
N MET A 1120 -3.56 56.13 9.76
CA MET A 1120 -2.53 56.93 9.09
C MET A 1120 -3.03 57.36 7.71
N HIS A 1121 -4.02 58.25 7.73
CA HIS A 1121 -4.63 58.77 6.51
C HIS A 1121 -4.01 60.13 6.20
N GLY A 1122 -3.38 60.24 5.03
CA GLY A 1122 -2.73 61.45 4.60
C GLY A 1122 -1.22 61.43 4.70
N GLN A 1123 -0.66 60.62 5.59
CA GLN A 1123 0.78 60.47 5.72
C GLN A 1123 1.33 59.28 4.93
N ILE A 1124 0.46 58.53 4.26
CA ILE A 1124 0.87 57.35 3.50
C ILE A 1124 0.28 57.44 2.10
N PRO A 1125 1.08 57.23 1.05
CA PRO A 1125 0.53 57.29 -0.30
C PRO A 1125 -0.47 56.16 -0.51
N PRO A 1126 -1.47 56.37 -1.37
CA PRO A 1126 -2.51 55.34 -1.55
C PRO A 1126 -1.97 54.01 -2.05
N ALA A 1127 -0.92 54.00 -2.86
CA ALA A 1127 -0.38 52.74 -3.37
C ALA A 1127 0.23 51.90 -2.25
N TYR A 1128 0.95 52.54 -1.32
CA TYR A 1128 1.54 51.81 -0.22
C TYR A 1128 0.47 51.21 0.69
N ALA A 1129 -0.60 51.96 0.97
CA ALA A 1129 -1.71 51.40 1.73
C ALA A 1129 -2.42 50.28 0.99
N GLY A 1130 -2.60 50.42 -0.33
CA GLY A 1130 -3.26 49.40 -1.11
C GLY A 1130 -2.50 48.09 -1.17
N LEU A 1131 -1.18 48.16 -1.33
CA LEU A 1131 -0.38 46.94 -1.36
C LEU A 1131 -0.47 46.21 -0.02
N ALA A 1132 -0.50 46.97 1.09
CA ALA A 1132 -0.58 46.35 2.40
C ALA A 1132 -1.88 45.57 2.56
N ILE A 1133 -3.01 46.16 2.16
CA ILE A 1133 -4.29 45.46 2.29
C ILE A 1133 -4.38 44.30 1.29
N SER A 1134 -3.77 44.45 0.12
CA SER A 1134 -3.77 43.35 -0.84
C SER A 1134 -3.01 42.15 -0.28
N TYR A 1135 -1.84 42.39 0.31
CA TYR A 1135 -1.10 41.29 0.92
C TYR A 1135 -1.78 40.75 2.18
N ALA A 1136 -2.49 41.61 2.91
CA ALA A 1136 -3.25 41.15 4.08
C ALA A 1136 -4.35 40.19 3.66
N VAL A 1137 -5.11 40.54 2.62
CA VAL A 1137 -6.16 39.64 2.14
C VAL A 1137 -5.56 38.43 1.42
N GLN A 1138 -4.33 38.54 0.91
CA GLN A 1138 -3.63 37.38 0.38
C GLN A 1138 -3.13 36.46 1.48
N LEU A 1139 -2.96 36.96 2.70
CA LEU A 1139 -2.49 36.14 3.81
C LEU A 1139 -3.48 35.06 4.20
N THR A 1140 -4.73 35.16 3.73
CA THR A 1140 -5.73 34.16 4.07
C THR A 1140 -5.35 32.79 3.50
N GLY A 1141 -5.70 31.74 4.24
CA GLY A 1141 -5.45 30.39 3.80
C GLY A 1141 -4.00 30.00 3.70
N LEU A 1142 -3.10 30.71 4.38
CA LEU A 1142 -1.67 30.40 4.35
C LEU A 1142 -1.20 29.69 5.61
N PHE A 1143 -1.63 30.15 6.79
CA PHE A 1143 -1.27 29.46 8.03
C PHE A 1143 -1.85 28.06 8.08
N GLN A 1144 -3.10 27.90 7.63
CA GLN A 1144 -3.72 26.57 7.60
C GLN A 1144 -2.95 25.63 6.69
N ALA A 1145 -2.54 26.11 5.52
CA ALA A 1145 -1.69 25.31 4.64
C ALA A 1145 -0.31 25.09 5.24
N THR A 1146 0.24 26.11 5.91
CA THR A 1146 1.60 26.00 6.43
C THR A 1146 1.70 24.93 7.52
N VAL A 1147 0.73 24.91 8.45
CA VAL A 1147 0.79 23.94 9.54
C VAL A 1147 0.58 22.53 9.00
N ARG A 1148 -0.33 22.35 8.05
CA ARG A 1148 -0.56 21.04 7.46
C ARG A 1148 0.67 20.55 6.71
N LEU A 1149 1.32 21.44 5.95
CA LEU A 1149 2.53 21.07 5.24
C LEU A 1149 3.65 20.72 6.19
N ALA A 1150 3.78 21.47 7.29
CA ALA A 1150 4.81 21.16 8.28
C ALA A 1150 4.55 19.80 8.92
N SER A 1151 3.30 19.50 9.26
CA SER A 1151 2.98 18.20 9.83
C SER A 1151 3.25 17.08 8.84
N GLU A 1152 2.90 17.29 7.56
CA GLU A 1152 3.16 16.27 6.55
C GLU A 1152 4.64 16.04 6.34
N THR A 1153 5.45 17.11 6.33
CA THR A 1153 6.90 16.94 6.20
C THR A 1153 7.47 16.22 7.42
N GLU A 1154 6.98 16.54 8.61
CA GLU A 1154 7.45 15.86 9.81
C GLU A 1154 7.11 14.37 9.76
N ALA A 1155 5.91 14.04 9.28
CA ALA A 1155 5.53 12.63 9.14
C ALA A 1155 6.37 11.93 8.09
N ARG A 1156 6.66 12.62 6.98
CA ARG A 1156 7.44 12.01 5.90
C ARG A 1156 8.90 11.83 6.29
N PHE A 1157 9.41 12.67 7.19
CA PHE A 1157 10.79 12.51 7.65
C PHE A 1157 11.00 11.22 8.44
N THR A 1158 9.93 10.55 8.87
CA THR A 1158 10.08 9.25 9.51
C THR A 1158 10.69 8.23 8.57
N SER A 1159 10.36 8.31 7.27
CA SER A 1159 10.97 7.41 6.29
C SER A 1159 12.48 7.64 6.20
N VAL A 1160 12.90 8.90 6.17
CA VAL A 1160 14.33 9.21 6.12
C VAL A 1160 15.02 8.74 7.39
N GLU A 1161 14.36 8.93 8.54
CA GLU A 1161 14.93 8.46 9.80
C GLU A 1161 15.08 6.94 9.81
N ARG A 1162 14.08 6.22 9.30
CA ARG A 1162 14.16 4.77 9.22
C ARG A 1162 15.27 4.33 8.28
N ILE A 1163 15.44 5.04 7.16
CA ILE A 1163 16.56 4.76 6.26
C ILE A 1163 17.88 4.97 6.98
N ASN A 1164 17.98 6.05 7.76
CA ASN A 1164 19.19 6.35 8.52
C ASN A 1164 19.40 5.33 9.63
N HIS A 1165 20.61 5.37 10.20
CA HIS A 1165 21.05 4.50 11.29
C HIS A 1165 21.30 3.08 10.78
N TYR A 1166 20.87 2.79 9.55
CA TYR A 1166 21.20 1.54 8.89
C TYR A 1166 22.62 1.54 8.36
N ILE A 1167 23.10 2.70 7.88
CA ILE A 1167 24.50 2.86 7.52
C ILE A 1167 25.39 3.07 8.73
N LYS A 1168 24.80 3.31 9.90
CA LYS A 1168 25.55 3.48 11.15
C LYS A 1168 25.73 2.16 11.89
N THR A 1169 24.66 1.39 12.09
CA THR A 1169 24.77 0.10 12.75
C THR A 1169 24.28 -1.01 11.83
N LYS A 1179 47.28 -7.45 3.55
CA LYS A 1179 47.98 -8.34 2.64
C LYS A 1179 48.48 -9.59 3.36
N ASN A 1180 49.55 -9.44 4.13
CA ASN A 1180 50.14 -10.52 4.92
C ASN A 1180 50.63 -11.66 4.03
N LYS A 1181 49.71 -12.36 3.39
CA LYS A 1181 50.03 -13.46 2.49
C LYS A 1181 49.68 -13.07 1.06
N ALA A 1182 50.66 -13.22 0.16
CA ALA A 1182 50.46 -12.88 -1.24
C ALA A 1182 50.14 -14.14 -2.02
N PRO A 1183 48.92 -14.29 -2.56
CA PRO A 1183 48.59 -15.49 -3.33
C PRO A 1183 49.39 -15.57 -4.61
N SER A 1184 49.70 -16.80 -5.00
CA SER A 1184 50.42 -17.03 -6.25
C SER A 1184 49.47 -16.89 -7.44
N PRO A 1185 50.00 -16.50 -8.61
CA PRO A 1185 49.13 -16.39 -9.79
C PRO A 1185 48.47 -17.70 -10.18
N ASP A 1186 49.12 -18.83 -9.96
CA ASP A 1186 48.55 -20.14 -10.28
C ASP A 1186 47.83 -20.79 -9.11
N TRP A 1187 47.76 -20.10 -7.97
CA TRP A 1187 47.09 -20.67 -6.80
C TRP A 1187 45.58 -20.77 -7.06
N PRO A 1188 44.96 -21.91 -6.76
CA PRO A 1188 45.55 -23.14 -6.22
C PRO A 1188 46.06 -24.07 -7.31
N GLN A 1189 47.35 -24.43 -7.26
CA GLN A 1189 47.89 -25.37 -8.24
C GLN A 1189 47.25 -26.74 -8.11
N GLU A 1190 47.03 -27.20 -6.88
CA GLU A 1190 46.40 -28.48 -6.60
C GLU A 1190 45.12 -28.25 -5.79
N GLY A 1191 44.48 -29.35 -5.40
CA GLY A 1191 43.26 -29.26 -4.62
C GLY A 1191 43.37 -29.88 -3.24
N GLU A 1192 44.51 -29.66 -2.58
CA GLU A 1192 44.73 -30.21 -1.25
C GLU A 1192 43.98 -29.39 -0.22
N VAL A 1193 43.08 -30.03 0.51
CA VAL A 1193 42.28 -29.39 1.55
C VAL A 1193 42.58 -30.06 2.88
N THR A 1194 42.93 -29.26 3.88
CA THR A 1194 43.23 -29.77 5.22
C THR A 1194 42.61 -28.86 6.26
N PHE A 1195 42.21 -29.45 7.38
CA PHE A 1195 41.62 -28.73 8.50
C PHE A 1195 42.45 -28.99 9.75
N GLU A 1196 42.80 -27.92 10.46
CA GLU A 1196 43.57 -28.00 11.70
C GLU A 1196 42.67 -27.56 12.85
N ASN A 1197 41.93 -28.52 13.41
CA ASN A 1197 41.09 -28.34 14.59
C ASN A 1197 40.29 -27.03 14.53
N ALA A 1198 39.61 -26.86 13.41
CA ALA A 1198 38.87 -25.62 13.15
C ALA A 1198 37.75 -25.43 14.17
N GLU A 1199 37.67 -24.24 14.73
CA GLU A 1199 36.64 -23.87 15.69
C GLU A 1199 35.82 -22.73 15.10
N MET A 1200 34.52 -22.93 14.96
CA MET A 1200 33.65 -21.96 14.31
C MET A 1200 32.30 -21.91 15.00
N ARG A 1201 31.63 -20.76 14.83
CA ARG A 1201 30.28 -20.56 15.34
C ARG A 1201 29.53 -19.64 14.38
N TYR A 1202 28.20 -19.75 14.39
CA TYR A 1202 27.39 -18.90 13.52
C TYR A 1202 27.35 -17.46 14.03
N ARG A 1203 26.85 -17.27 15.24
CA ARG A 1203 26.81 -15.96 15.87
C ARG A 1203 27.35 -16.08 17.30
N GLU A 1204 27.62 -14.93 17.91
CA GLU A 1204 28.09 -14.91 19.29
C GLU A 1204 26.98 -15.35 20.23
N ASN A 1205 27.39 -15.94 21.36
CA ASN A 1205 26.47 -16.47 22.36
C ASN A 1205 25.50 -17.49 21.76
N LEU A 1206 26.03 -18.35 20.90
CA LEU A 1206 25.25 -19.39 20.23
C LEU A 1206 25.95 -20.72 20.37
N PRO A 1207 25.22 -21.84 20.30
CA PRO A 1207 25.86 -23.16 20.42
C PRO A 1207 26.88 -23.38 19.31
N LEU A 1208 27.95 -24.08 19.67
CA LEU A 1208 29.03 -24.34 18.73
C LEU A 1208 28.58 -25.30 17.63
N VAL A 1209 29.12 -25.08 16.43
CA VAL A 1209 28.83 -25.95 15.29
C VAL A 1209 30.08 -26.69 14.80
N LEU A 1210 31.28 -26.16 15.05
CA LEU A 1210 32.53 -26.81 14.68
C LEU A 1210 33.29 -27.15 15.96
N LYS A 1211 33.64 -28.42 16.14
CA LYS A 1211 34.32 -28.89 17.34
C LYS A 1211 35.58 -29.65 16.92
N LYS A 1212 36.73 -28.99 17.02
CA LYS A 1212 38.06 -29.56 16.76
C LYS A 1212 38.05 -30.53 15.58
N VAL A 1213 37.53 -30.05 14.46
CA VAL A 1213 37.43 -30.87 13.25
C VAL A 1213 38.74 -30.80 12.49
N SER A 1214 39.35 -31.96 12.26
CA SER A 1214 40.61 -32.05 11.52
C SER A 1214 40.55 -33.24 10.57
N PHE A 1215 40.94 -33.02 9.32
CA PHE A 1215 40.90 -34.07 8.31
C PHE A 1215 41.80 -33.66 7.15
N THR A 1216 42.04 -34.64 6.27
CA THR A 1216 42.78 -34.43 5.04
C THR A 1216 41.95 -34.90 3.85
N ILE A 1217 41.98 -34.13 2.77
CA ILE A 1217 41.19 -34.41 1.57
C ILE A 1217 42.06 -34.94 0.44
N LYS A 1218 43.11 -34.20 0.08
CA LYS A 1218 44.03 -34.49 -1.03
C LYS A 1218 43.31 -34.33 -2.37
N PRO A 1219 43.99 -33.84 -3.40
CA PRO A 1219 43.33 -33.60 -4.69
C PRO A 1219 42.81 -34.90 -5.31
N LYS A 1220 41.94 -34.73 -6.30
CA LYS A 1220 41.30 -35.84 -7.01
C LYS A 1220 40.51 -36.75 -6.06
N GLU A 1221 39.49 -36.20 -5.42
CA GLU A 1221 38.65 -36.94 -4.48
C GLU A 1221 37.18 -36.67 -4.76
N LYS A 1222 36.33 -37.48 -4.12
CA LYS A 1222 34.88 -37.45 -4.30
C LYS A 1222 34.17 -37.46 -2.95
N ILE A 1223 34.58 -36.56 -2.06
CA ILE A 1223 34.05 -36.53 -0.71
C ILE A 1223 32.53 -36.35 -0.75
N GLY A 1224 31.83 -37.25 -0.06
CA GLY A 1224 30.38 -37.30 -0.08
C GLY A 1224 29.73 -36.89 1.22
N ILE A 1225 30.20 -35.79 1.82
CA ILE A 1225 29.82 -35.34 3.16
C ILE A 1225 28.32 -35.44 3.38
N VAL A 1226 27.93 -36.08 4.49
CA VAL A 1226 26.53 -36.20 4.86
C VAL A 1226 26.47 -36.38 6.38
N GLY A 1227 25.45 -35.77 6.99
CA GLY A 1227 25.28 -35.90 8.43
C GLY A 1227 23.85 -35.64 8.82
N ARG A 1228 23.61 -35.69 10.13
CA ARG A 1228 22.28 -35.41 10.66
C ARG A 1228 21.98 -33.92 10.58
N THR A 1229 20.69 -33.59 10.68
CA THR A 1229 20.28 -32.19 10.64
C THR A 1229 20.80 -31.46 11.87
N GLY A 1230 21.43 -30.30 11.63
CA GLY A 1230 22.01 -29.52 12.70
C GLY A 1230 23.38 -29.99 13.17
N SER A 1231 23.92 -31.06 12.59
CA SER A 1231 25.23 -31.53 12.99
C SER A 1231 26.34 -30.59 12.55
N GLY A 1232 26.16 -29.93 11.41
CA GLY A 1232 27.16 -29.01 10.90
C GLY A 1232 27.46 -29.21 9.43
N LYS A 1233 26.67 -30.04 8.76
CA LYS A 1233 26.85 -30.23 7.33
C LYS A 1233 26.59 -28.94 6.55
N SER A 1234 25.55 -28.20 6.95
CA SER A 1234 25.25 -26.94 6.28
C SER A 1234 26.29 -25.87 6.60
N SER A 1235 26.95 -25.97 7.77
CA SER A 1235 27.99 -25.02 8.11
C SER A 1235 29.16 -25.12 7.14
N LEU A 1236 29.57 -26.34 6.80
CA LEU A 1236 30.61 -26.53 5.80
C LEU A 1236 30.11 -26.03 4.44
N GLY A 1237 31.05 -25.66 3.59
CA GLY A 1237 30.68 -24.84 2.46
C GLY A 1237 31.00 -23.39 2.76
N MET A 1238 30.00 -22.65 3.25
CA MET A 1238 30.23 -21.27 3.67
C MET A 1238 31.33 -21.17 4.71
N ALA A 1239 31.59 -22.24 5.46
CA ALA A 1239 32.71 -22.24 6.39
C ALA A 1239 34.03 -22.11 5.63
N LEU A 1240 34.18 -22.83 4.52
CA LEU A 1240 35.38 -22.71 3.70
C LEU A 1240 35.46 -21.35 3.03
N PHE A 1241 34.34 -20.82 2.57
CA PHE A 1241 34.29 -19.51 1.93
C PHE A 1241 34.46 -18.35 2.90
N ARG A 1242 34.46 -18.62 4.21
CA ARG A 1242 34.63 -17.60 5.24
C ARG A 1242 33.54 -16.53 5.15
N LEU A 1243 32.28 -16.99 5.11
CA LEU A 1243 31.16 -16.04 5.15
C LEU A 1243 31.15 -15.27 6.46
N VAL A 1244 31.44 -15.94 7.57
CA VAL A 1244 31.64 -15.30 8.87
C VAL A 1244 33.04 -15.65 9.33
N GLU A 1245 33.68 -14.72 10.05
CA GLU A 1245 35.07 -14.89 10.45
C GLU A 1245 35.23 -16.10 11.36
N LEU A 1246 36.35 -16.80 11.17
CA LEU A 1246 36.64 -17.99 11.96
C LEU A 1246 36.89 -17.62 13.42
N SER A 1247 36.23 -18.34 14.33
CA SER A 1247 36.42 -18.08 15.75
C SER A 1247 37.60 -18.86 16.33
N GLY A 1248 38.18 -19.77 15.56
CA GLY A 1248 39.31 -20.54 16.03
C GLY A 1248 39.76 -21.53 15.00
N GLY A 1249 40.86 -22.19 15.30
CA GLY A 1249 41.41 -23.20 14.41
C GLY A 1249 42.11 -22.61 13.20
N CYS A 1250 42.51 -23.49 12.30
CA CYS A 1250 43.20 -23.09 11.08
C CYS A 1250 42.79 -24.02 9.94
N ILE A 1251 42.68 -23.46 8.75
CA ILE A 1251 42.36 -24.21 7.54
C ILE A 1251 43.38 -23.86 6.47
N LYS A 1252 43.95 -24.89 5.85
CA LYS A 1252 45.01 -24.71 4.85
C LYS A 1252 44.55 -25.24 3.51
N ILE A 1253 44.76 -24.45 2.46
CA ILE A 1253 44.49 -24.85 1.08
C ILE A 1253 45.80 -24.82 0.32
N ASP A 1254 46.19 -25.97 -0.24
CA ASP A 1254 47.44 -26.11 -0.97
C ASP A 1254 48.64 -25.65 -0.13
N GLY A 1255 48.59 -25.95 1.16
CA GLY A 1255 49.64 -25.52 2.07
C GLY A 1255 49.59 -24.05 2.45
N VAL A 1256 48.53 -23.34 2.09
CA VAL A 1256 48.41 -21.91 2.37
C VAL A 1256 47.17 -21.71 3.24
N ARG A 1257 47.32 -20.96 4.32
CA ARG A 1257 46.20 -20.70 5.22
C ARG A 1257 45.13 -19.87 4.51
N ILE A 1258 43.86 -20.20 4.79
CA ILE A 1258 42.76 -19.48 4.16
C ILE A 1258 42.75 -18.02 4.61
N SER A 1259 43.03 -17.77 5.89
CA SER A 1259 43.02 -16.42 6.41
C SER A 1259 44.18 -15.62 5.82
N ASP A 1260 44.17 -14.31 6.10
CA ASP A 1260 45.18 -13.36 5.61
C ASP A 1260 45.20 -13.30 4.09
N ILE A 1261 44.06 -13.51 3.45
CA ILE A 1261 43.91 -13.38 2.01
C ILE A 1261 42.72 -12.47 1.73
N GLY A 1262 42.76 -11.80 0.58
CA GLY A 1262 41.68 -10.90 0.22
C GLY A 1262 40.39 -11.66 -0.05
N LEU A 1263 39.27 -10.95 0.12
CA LEU A 1263 37.96 -11.58 -0.07
C LEU A 1263 37.77 -12.04 -1.51
N ALA A 1264 38.17 -11.22 -2.48
CA ALA A 1264 38.04 -11.62 -3.87
C ALA A 1264 38.94 -12.81 -4.19
N ASP A 1265 40.18 -12.78 -3.71
CA ASP A 1265 41.10 -13.90 -3.94
C ASP A 1265 40.58 -15.18 -3.29
N LEU A 1266 39.99 -15.06 -2.11
CA LEU A 1266 39.43 -16.23 -1.44
C LEU A 1266 38.23 -16.77 -2.20
N ARG A 1267 37.18 -15.97 -2.35
CA ARG A 1267 35.99 -16.40 -3.07
C ARG A 1267 36.03 -16.01 -4.55
N SER A 1268 37.15 -16.31 -5.20
CA SER A 1268 37.26 -16.19 -6.65
C SER A 1268 37.80 -17.45 -7.33
N LYS A 1269 38.57 -18.28 -6.63
CA LYS A 1269 39.05 -19.55 -7.16
C LYS A 1269 38.26 -20.73 -6.58
N LEU A 1270 37.02 -20.49 -6.17
CA LEU A 1270 36.19 -21.51 -5.55
C LEU A 1270 34.82 -21.50 -6.20
N SER A 1271 34.18 -22.68 -6.23
CA SER A 1271 32.87 -22.84 -6.84
C SER A 1271 31.99 -23.71 -5.94
N ILE A 1272 30.68 -23.49 -6.06
CA ILE A 1272 29.70 -24.23 -5.29
C ILE A 1272 28.35 -24.11 -5.98
N ILE A 1273 27.63 -25.23 -6.05
CA ILE A 1273 26.27 -25.26 -6.58
C ILE A 1273 25.32 -25.43 -5.40
N PRO A 1274 24.41 -24.49 -5.15
CA PRO A 1274 23.57 -24.57 -3.95
C PRO A 1274 22.54 -25.67 -4.06
N GLN A 1275 21.77 -25.84 -2.98
CA GLN A 1275 20.73 -26.86 -2.93
C GLN A 1275 19.66 -26.61 -3.98
N GLU A 1276 18.96 -25.47 -3.87
CA GLU A 1276 17.90 -25.12 -4.81
C GLU A 1276 18.47 -24.26 -5.93
N PRO A 1277 18.35 -24.70 -7.20
CA PRO A 1277 18.77 -23.86 -8.33
C PRO A 1277 18.31 -22.41 -8.22
N VAL A 1278 19.22 -21.48 -8.47
CA VAL A 1278 18.93 -20.05 -8.42
C VAL A 1278 19.26 -19.46 -9.79
N LEU A 1279 18.34 -18.62 -10.28
CA LEU A 1279 18.52 -17.94 -11.56
C LEU A 1279 18.14 -16.49 -11.40
N PHE A 1280 18.87 -15.61 -12.06
CA PHE A 1280 18.66 -14.17 -11.96
C PHE A 1280 17.90 -13.66 -13.18
N SER A 1281 16.99 -12.73 -12.94
CA SER A 1281 16.23 -12.13 -14.03
C SER A 1281 17.15 -11.31 -14.94
N GLY A 1282 16.83 -11.30 -16.23
CA GLY A 1282 17.65 -10.60 -17.20
C GLY A 1282 17.92 -11.40 -18.45
N THR A 1283 19.19 -11.67 -18.72
CA THR A 1283 19.61 -12.35 -19.93
C THR A 1283 20.41 -13.59 -19.56
N VAL A 1284 20.24 -14.65 -20.37
CA VAL A 1284 20.98 -15.90 -20.15
C VAL A 1284 22.48 -15.64 -20.13
N ARG A 1285 22.96 -14.78 -21.03
CA ARG A 1285 24.37 -14.40 -21.03
C ARG A 1285 24.74 -13.69 -19.74
N SER A 1286 23.85 -12.81 -19.25
CA SER A 1286 24.12 -12.11 -18.00
C SER A 1286 24.21 -13.09 -16.83
N ASN A 1287 23.31 -14.06 -16.77
CA ASN A 1287 23.37 -15.10 -15.75
C ASN A 1287 24.61 -15.96 -15.84
N LEU A 1288 25.02 -16.35 -17.06
CA LEU A 1288 26.21 -17.17 -17.27
C LEU A 1288 27.50 -16.40 -17.13
N ASP A 1289 27.50 -15.10 -17.45
CA ASP A 1289 28.71 -14.29 -17.39
C ASP A 1289 28.35 -12.84 -17.08
N PRO A 1290 28.04 -12.52 -15.81
CA PRO A 1290 27.67 -11.13 -15.48
C PRO A 1290 28.77 -10.12 -15.77
N PHE A 1291 30.04 -10.50 -15.59
CA PHE A 1291 31.14 -9.55 -15.79
C PHE A 1291 31.50 -9.39 -17.25
N ASN A 1292 31.05 -10.28 -18.12
CA ASN A 1292 31.27 -10.20 -19.57
C ASN A 1292 32.77 -10.16 -19.88
N GLN A 1293 33.47 -11.21 -19.45
CA GLN A 1293 34.89 -11.35 -19.74
C GLN A 1293 35.27 -12.75 -20.22
N TYR A 1294 34.30 -13.67 -20.31
CA TYR A 1294 34.55 -15.02 -20.80
C TYR A 1294 34.13 -15.12 -22.26
N THR A 1295 34.95 -15.82 -23.04
CA THR A 1295 34.69 -15.97 -24.46
C THR A 1295 33.44 -16.83 -24.70
N GLU A 1296 32.75 -16.56 -25.81
CA GLU A 1296 31.54 -17.31 -26.14
C GLU A 1296 31.86 -18.77 -26.44
N ASP A 1297 33.05 -19.05 -26.96
CA ASP A 1297 33.43 -20.42 -27.27
C ASP A 1297 33.47 -21.27 -26.02
N GLN A 1298 34.01 -20.73 -24.92
CA GLN A 1298 34.03 -21.46 -23.66
C GLN A 1298 32.62 -21.71 -23.14
N ILE A 1299 31.73 -20.72 -23.28
CA ILE A 1299 30.34 -20.88 -22.85
C ILE A 1299 29.68 -22.01 -23.63
N TRP A 1300 29.87 -22.02 -24.96
CA TRP A 1300 29.26 -23.06 -25.78
C TRP A 1300 29.86 -24.43 -25.48
N ASP A 1301 31.17 -24.50 -25.21
CA ASP A 1301 31.78 -25.77 -24.84
C ASP A 1301 31.24 -26.29 -23.52
N ALA A 1302 31.05 -25.39 -22.54
CA ALA A 1302 30.45 -25.81 -21.28
C ALA A 1302 29.02 -26.30 -21.47
N LEU A 1303 28.24 -25.59 -22.29
CA LEU A 1303 26.87 -26.02 -22.56
C LEU A 1303 26.83 -27.38 -23.25
N GLU A 1304 27.75 -27.61 -24.19
CA GLU A 1304 27.84 -28.91 -24.84
C GLU A 1304 28.21 -30.00 -23.85
N ARG A 1305 29.17 -29.72 -22.97
CA ARG A 1305 29.56 -30.70 -21.95
C ARG A 1305 28.41 -30.99 -20.99
N THR A 1306 27.53 -30.02 -20.78
CA THR A 1306 26.34 -30.22 -19.95
C THR A 1306 25.11 -30.58 -20.77
N HIS A 1307 25.26 -30.83 -22.07
CA HIS A 1307 24.17 -31.25 -22.93
C HIS A 1307 23.06 -30.21 -23.00
N MET A 1308 23.41 -29.01 -23.50
CA MET A 1308 22.46 -27.94 -23.73
C MET A 1308 22.25 -27.68 -25.23
N LYS A 1309 23.34 -27.39 -25.94
CA LYS A 1309 23.42 -27.13 -27.38
C LYS A 1309 22.08 -26.93 -28.09
N GLU A 1310 21.43 -28.03 -28.47
CA GLU A 1310 20.31 -27.96 -29.41
C GLU A 1310 19.11 -27.27 -28.81
N CYS A 1311 18.73 -27.63 -27.57
CA CYS A 1311 17.49 -27.10 -26.99
C CYS A 1311 17.62 -25.63 -26.63
N ILE A 1312 18.84 -25.11 -26.53
CA ILE A 1312 19.02 -23.69 -26.23
C ILE A 1312 19.35 -22.91 -27.50
N ALA A 1313 19.78 -23.61 -28.55
CA ALA A 1313 20.09 -22.93 -29.81
C ALA A 1313 18.85 -22.71 -30.65
N GLN A 1314 17.74 -23.37 -30.31
CA GLN A 1314 16.50 -23.21 -31.05
C GLN A 1314 15.68 -22.02 -30.57
N LEU A 1315 16.16 -21.30 -29.55
CA LEU A 1315 15.45 -20.11 -29.10
C LEU A 1315 15.47 -19.05 -30.20
N PRO A 1316 14.38 -18.29 -30.36
CA PRO A 1316 14.36 -17.27 -31.43
C PRO A 1316 15.48 -16.25 -31.33
N LEU A 1317 15.86 -15.86 -30.11
CA LEU A 1317 16.87 -14.82 -29.93
C LEU A 1317 18.27 -15.37 -29.68
N LYS A 1318 18.45 -16.69 -29.74
CA LYS A 1318 19.77 -17.33 -29.66
C LYS A 1318 20.50 -16.95 -28.37
N LEU A 1319 19.94 -17.44 -27.26
CA LEU A 1319 20.44 -17.31 -25.88
C LEU A 1319 20.15 -15.93 -25.32
N GLU A 1320 19.63 -15.01 -26.12
CA GLU A 1320 19.18 -13.70 -25.63
C GLU A 1320 17.67 -13.71 -25.38
N SER A 1321 17.13 -14.88 -25.04
CA SER A 1321 15.69 -15.09 -24.93
C SER A 1321 15.10 -14.53 -23.64
N GLU A 1322 15.93 -14.01 -22.74
CA GLU A 1322 15.50 -13.37 -21.50
C GLU A 1322 14.96 -14.39 -20.49
N VAL A 1323 15.28 -14.20 -19.21
CA VAL A 1323 14.86 -15.10 -18.14
C VAL A 1323 14.04 -14.30 -17.14
N MET A 1324 12.88 -14.84 -16.77
CA MET A 1324 12.05 -14.22 -15.76
C MET A 1324 12.60 -14.51 -14.36
N GLU A 1325 11.84 -14.14 -13.33
CA GLU A 1325 12.27 -14.36 -11.97
C GLU A 1325 12.34 -15.86 -11.65
N ASN A 1326 13.42 -16.27 -10.99
CA ASN A 1326 13.65 -17.65 -10.57
C ASN A 1326 13.60 -18.64 -11.74
N GLY A 1327 13.79 -18.17 -12.96
CA GLY A 1327 13.75 -19.05 -14.12
C GLY A 1327 12.39 -19.69 -14.33
N ASP A 1328 11.31 -18.91 -14.20
CA ASP A 1328 9.96 -19.45 -14.34
C ASP A 1328 9.62 -19.87 -15.76
N ASN A 1329 10.39 -19.44 -16.76
CA ASN A 1329 10.15 -19.82 -18.15
C ASN A 1329 10.91 -21.07 -18.55
N PHE A 1330 11.65 -21.68 -17.63
CA PHE A 1330 12.39 -22.91 -17.90
C PHE A 1330 11.86 -24.02 -17.01
N SER A 1331 12.02 -25.25 -17.47
CA SER A 1331 11.60 -26.40 -16.70
C SER A 1331 12.50 -26.62 -15.49
N VAL A 1332 12.04 -27.44 -14.56
CA VAL A 1332 12.82 -27.74 -13.35
C VAL A 1332 14.14 -28.41 -13.72
N GLY A 1333 14.09 -29.37 -14.64
CA GLY A 1333 15.33 -29.99 -15.11
C GLY A 1333 16.27 -29.00 -15.76
N GLU A 1334 15.72 -28.11 -16.59
CA GLU A 1334 16.55 -27.06 -17.20
C GLU A 1334 17.07 -26.10 -16.14
N ARG A 1335 16.28 -25.79 -15.12
CA ARG A 1335 16.74 -24.92 -14.05
C ARG A 1335 17.92 -25.53 -13.31
N GLN A 1336 17.84 -26.83 -13.01
CA GLN A 1336 18.96 -27.51 -12.37
C GLN A 1336 20.18 -27.57 -13.30
N LEU A 1337 19.94 -27.84 -14.59
CA LEU A 1337 21.05 -28.00 -15.52
C LEU A 1337 21.77 -26.67 -15.76
N LEU A 1338 21.06 -25.55 -15.71
CA LEU A 1338 21.73 -24.26 -15.83
C LEU A 1338 22.72 -24.04 -14.69
N CYS A 1339 22.31 -24.34 -13.45
CA CYS A 1339 23.23 -24.23 -12.33
C CYS A 1339 24.37 -25.23 -12.43
N ILE A 1340 24.10 -26.43 -12.95
CA ILE A 1340 25.16 -27.40 -13.17
C ILE A 1340 26.19 -26.87 -14.16
N ALA A 1341 25.70 -26.29 -15.27
CA ALA A 1341 26.60 -25.70 -16.26
C ALA A 1341 27.37 -24.52 -15.69
N ARG A 1342 26.76 -23.79 -14.76
CA ARG A 1342 27.49 -22.76 -14.06
C ARG A 1342 28.64 -23.38 -13.25
N ALA A 1343 29.69 -22.59 -13.06
CA ALA A 1343 30.95 -22.94 -12.42
C ALA A 1343 31.83 -23.84 -13.29
N LEU A 1344 31.35 -24.29 -14.44
CA LEU A 1344 32.19 -25.03 -15.38
C LEU A 1344 33.12 -24.10 -16.15
N LEU A 1345 32.64 -22.89 -16.45
CA LEU A 1345 33.45 -21.93 -17.19
C LEU A 1345 34.68 -21.53 -16.41
N ARG A 1346 34.55 -21.32 -15.09
CA ARG A 1346 35.68 -20.93 -14.27
C ARG A 1346 36.69 -22.07 -14.13
N HIS A 1347 36.26 -23.31 -14.36
CA HIS A 1347 37.11 -24.49 -14.20
C HIS A 1347 37.73 -24.54 -12.81
N CYS A 1348 36.91 -24.25 -11.80
CA CYS A 1348 37.39 -24.20 -10.43
C CYS A 1348 37.75 -25.59 -9.92
N LYS A 1349 38.65 -25.63 -8.94
CA LYS A 1349 39.13 -26.90 -8.41
C LYS A 1349 38.16 -27.49 -7.39
N ILE A 1350 37.90 -26.78 -6.31
CA ILE A 1350 37.07 -27.29 -5.23
C ILE A 1350 35.62 -26.94 -5.52
N LEU A 1351 34.77 -27.96 -5.59
CA LEU A 1351 33.33 -27.80 -5.77
C LEU A 1351 32.62 -28.28 -4.52
N ILE A 1352 31.68 -27.49 -4.03
CA ILE A 1352 31.00 -27.77 -2.77
C ILE A 1352 29.50 -27.93 -3.07
N LEU A 1353 29.20 -28.52 -4.23
CA LEU A 1353 27.82 -28.75 -4.66
C LEU A 1353 26.98 -29.33 -3.54
N ASP A 1354 25.84 -28.70 -3.27
CA ASP A 1354 24.98 -29.07 -2.16
C ASP A 1354 24.01 -30.16 -2.62
N GLU A 1355 22.99 -30.42 -1.80
CA GLU A 1355 22.03 -31.48 -2.09
C GLU A 1355 21.24 -31.18 -3.36
N ALA A 1356 20.81 -32.25 -4.03
CA ALA A 1356 20.08 -32.12 -5.29
C ALA A 1356 18.59 -31.91 -5.09
N THR A 1357 18.11 -31.87 -3.84
CA THR A 1357 16.69 -31.70 -3.52
C THR A 1357 15.85 -32.79 -4.16
N ALA A 1358 16.12 -34.03 -3.71
CA ALA A 1358 15.42 -35.23 -4.16
C ALA A 1358 15.69 -35.53 -5.63
N ALA A 1359 15.29 -36.71 -6.08
CA ALA A 1359 15.52 -37.15 -7.45
C ALA A 1359 14.42 -36.62 -8.36
N MET A 1360 14.81 -36.29 -9.60
CA MET A 1360 13.88 -35.79 -10.62
C MET A 1360 13.71 -36.89 -11.65
N ASP A 1361 12.54 -37.52 -11.63
CA ASP A 1361 12.17 -38.59 -12.57
C ASP A 1361 13.15 -39.77 -12.47
N THR A 1362 13.01 -40.73 -13.39
CA THR A 1362 13.88 -41.90 -13.42
C THR A 1362 15.04 -41.76 -14.40
N GLU A 1363 15.08 -40.68 -15.18
CA GLU A 1363 16.15 -40.47 -16.17
C GLU A 1363 16.84 -39.12 -16.02
N THR A 1364 16.10 -38.08 -15.66
CA THR A 1364 16.70 -36.76 -15.51
C THR A 1364 17.74 -36.75 -14.40
N ASP A 1365 17.45 -37.42 -13.28
CA ASP A 1365 18.40 -37.47 -12.18
C ASP A 1365 19.69 -38.18 -12.58
N LEU A 1366 19.57 -39.31 -13.27
CA LEU A 1366 20.76 -40.03 -13.70
C LEU A 1366 21.55 -39.24 -14.73
N LEU A 1367 20.87 -38.54 -15.65
CA LEU A 1367 21.58 -37.70 -16.61
C LEU A 1367 22.31 -36.56 -15.89
N ILE A 1368 21.67 -35.97 -14.89
CA ILE A 1368 22.29 -34.90 -14.12
C ILE A 1368 23.54 -35.41 -13.41
N GLN A 1369 23.44 -36.60 -12.81
CA GLN A 1369 24.59 -37.19 -12.13
C GLN A 1369 25.71 -37.49 -13.13
N GLU A 1370 25.36 -38.04 -14.29
CA GLU A 1370 26.36 -38.29 -15.32
C GLU A 1370 27.11 -37.02 -15.69
N THR A 1371 26.36 -35.93 -15.95
CA THR A 1371 27.01 -34.68 -16.31
C THR A 1371 27.84 -34.13 -15.14
N ILE A 1372 27.37 -34.35 -13.91
CA ILE A 1372 28.07 -33.81 -12.74
C ILE A 1372 29.44 -34.46 -12.60
N ARG A 1373 29.50 -35.80 -12.67
CA ARG A 1373 30.80 -36.44 -12.53
C ARG A 1373 31.62 -36.33 -13.81
N GLU A 1374 30.99 -36.12 -14.95
CA GLU A 1374 31.75 -35.95 -16.18
C GLU A 1374 32.45 -34.60 -16.22
N ALA A 1375 31.78 -33.55 -15.73
CA ALA A 1375 32.36 -32.21 -15.75
C ALA A 1375 33.46 -32.07 -14.70
N PHE A 1376 33.12 -32.29 -13.43
CA PHE A 1376 34.07 -32.13 -12.34
C PHE A 1376 34.71 -33.48 -12.01
N ALA A 1377 35.55 -33.94 -12.94
CA ALA A 1377 36.26 -35.21 -12.80
C ALA A 1377 37.73 -35.04 -12.46
N ASP A 1378 38.39 -34.04 -13.04
CA ASP A 1378 39.80 -33.79 -12.82
C ASP A 1378 40.06 -32.85 -11.65
N CYS A 1379 39.14 -32.76 -10.69
CA CYS A 1379 39.29 -31.88 -9.54
C CYS A 1379 38.60 -32.52 -8.34
N THR A 1380 38.71 -31.85 -7.20
CA THR A 1380 38.10 -32.36 -5.97
C THR A 1380 36.58 -32.24 -6.03
N MET A 1381 35.92 -33.05 -5.21
CA MET A 1381 34.45 -33.10 -5.21
C MET A 1381 33.99 -33.10 -3.75
N LEU A 1382 33.75 -31.92 -3.21
CA LEU A 1382 33.23 -31.76 -1.84
C LEU A 1382 31.71 -31.68 -1.86
N THR A 1383 31.08 -32.65 -2.52
CA THR A 1383 29.63 -32.66 -2.67
C THR A 1383 28.98 -33.06 -1.36
N ILE A 1384 27.83 -32.47 -1.05
CA ILE A 1384 27.08 -32.78 0.15
C ILE A 1384 25.68 -33.22 -0.28
N ALA A 1385 25.36 -34.49 -0.02
CA ALA A 1385 24.06 -35.04 -0.38
C ALA A 1385 23.46 -35.75 0.82
N HIS A 1386 22.16 -35.57 1.02
CA HIS A 1386 21.45 -36.18 2.14
C HIS A 1386 20.86 -37.55 1.79
N ARG A 1387 21.08 -38.05 0.58
CA ARG A 1387 20.60 -39.34 0.15
C ARG A 1387 21.77 -40.32 0.13
N LEU A 1388 21.61 -41.45 0.83
CA LEU A 1388 22.67 -42.45 0.88
C LEU A 1388 22.79 -43.25 -0.42
N HIS A 1389 21.75 -43.24 -1.25
CA HIS A 1389 21.82 -43.95 -2.52
C HIS A 1389 22.65 -43.18 -3.54
N THR A 1390 22.59 -41.85 -3.51
CA THR A 1390 23.32 -41.02 -4.46
C THR A 1390 24.77 -40.78 -4.07
N VAL A 1391 25.17 -41.21 -2.86
CA VAL A 1391 26.55 -41.01 -2.40
C VAL A 1391 27.42 -42.25 -2.65
N LEU A 1392 26.82 -43.37 -3.02
CA LEU A 1392 27.58 -44.59 -3.25
C LEU A 1392 28.53 -44.41 -4.43
N GLY A 1393 29.65 -45.14 -4.39
CA GLY A 1393 30.67 -45.03 -5.41
C GLY A 1393 31.68 -43.92 -5.19
N SER A 1394 31.55 -43.16 -4.10
CA SER A 1394 32.50 -42.10 -3.80
C SER A 1394 33.85 -42.67 -3.40
N ASP A 1395 34.91 -41.92 -3.69
CA ASP A 1395 36.25 -42.35 -3.34
C ASP A 1395 36.42 -42.47 -1.83
N ARG A 1396 35.91 -41.48 -1.08
CA ARG A 1396 36.02 -41.48 0.38
C ARG A 1396 34.99 -40.52 0.94
N ILE A 1397 34.31 -40.92 2.00
CA ILE A 1397 33.25 -40.12 2.60
C ILE A 1397 33.50 -40.01 4.09
N MET A 1398 33.31 -38.80 4.62
CA MET A 1398 33.41 -38.55 6.05
C MET A 1398 32.01 -38.40 6.62
N VAL A 1399 31.86 -38.79 7.88
CA VAL A 1399 30.60 -38.63 8.62
C VAL A 1399 30.86 -37.69 9.79
N LEU A 1400 30.13 -36.58 9.82
CA LEU A 1400 30.28 -35.59 10.87
C LEU A 1400 29.01 -35.58 11.72
N ALA A 1401 29.16 -35.85 13.01
CA ALA A 1401 28.05 -35.88 13.95
C ALA A 1401 28.31 -34.87 15.06
N GLN A 1402 27.38 -33.93 15.23
CA GLN A 1402 27.49 -32.88 16.24
C GLN A 1402 28.80 -32.10 16.11
N GLY A 1403 29.25 -31.87 14.87
CA GLY A 1403 30.47 -31.12 14.64
C GLY A 1403 31.74 -31.87 14.94
N GLN A 1404 31.73 -33.20 14.86
CA GLN A 1404 32.94 -33.99 15.07
C GLN A 1404 33.03 -35.07 14.00
N VAL A 1405 34.25 -35.29 13.50
CA VAL A 1405 34.51 -36.34 12.52
C VAL A 1405 34.70 -37.66 13.25
N VAL A 1406 33.97 -38.68 12.84
CA VAL A 1406 33.97 -39.95 13.56
C VAL A 1406 34.18 -41.13 12.61
N GLU A 1407 34.09 -40.90 11.31
CA GLU A 1407 34.17 -41.99 10.34
C GLU A 1407 34.89 -41.51 9.09
N PHE A 1408 36.14 -41.97 8.93
CA PHE A 1408 36.93 -41.74 7.71
C PHE A 1408 37.63 -43.07 7.42
N ASP A 1409 37.00 -43.79 6.49
CA ASP A 1409 37.53 -45.11 6.11
C ASP A 1409 36.93 -45.64 4.79
N THR A 1410 36.48 -44.74 3.90
CA THR A 1410 35.97 -45.13 2.55
C THR A 1410 34.65 -45.93 2.65
N PRO A 1411 33.60 -45.56 1.90
CA PRO A 1411 32.31 -46.23 2.02
C PRO A 1411 32.53 -47.75 1.93
N SER A 1412 33.25 -48.22 0.91
CA SER A 1412 33.49 -49.67 0.71
C SER A 1412 33.98 -50.32 2.01
N VAL A 1413 35.12 -49.86 2.55
CA VAL A 1413 35.69 -50.50 3.77
C VAL A 1413 34.73 -50.26 4.94
N LEU A 1414 34.25 -49.02 5.10
CA LEU A 1414 33.26 -48.72 6.16
C LEU A 1414 32.10 -49.70 6.04
N LEU A 1415 31.73 -50.06 4.81
CA LEU A 1415 30.54 -50.96 4.60
C LEU A 1415 30.81 -52.33 5.23
N SER A 1416 31.90 -53.01 4.86
CA SER A 1416 32.04 -54.35 5.40
C SER A 1416 31.87 -54.37 6.91
N ASN A 1417 32.39 -53.34 7.60
CA ASN A 1417 32.30 -53.28 9.05
C ASN A 1417 30.86 -52.95 9.46
N ASP A 1418 30.20 -53.90 10.12
CA ASP A 1418 28.83 -53.67 10.57
C ASP A 1418 28.77 -52.76 11.79
N SER A 1419 29.83 -52.75 12.61
CA SER A 1419 29.83 -51.91 13.81
C SER A 1419 29.84 -50.42 13.48
N SER A 1420 30.26 -50.05 12.28
CA SER A 1420 30.30 -48.64 11.90
C SER A 1420 28.89 -48.09 11.76
N ARG A 1421 28.74 -46.80 12.10
CA ARG A 1421 27.42 -46.17 12.03
C ARG A 1421 26.92 -46.09 10.59
N PHE A 1422 27.81 -45.73 9.65
CA PHE A 1422 27.39 -45.50 8.26
C PHE A 1422 26.68 -46.73 7.69
N TYR A 1423 27.17 -47.92 8.02
CA TYR A 1423 26.47 -49.13 7.60
C TYR A 1423 25.09 -49.23 8.22
N ALA A 1424 24.94 -48.81 9.47
CA ALA A 1424 23.63 -48.84 10.12
C ALA A 1424 22.65 -47.89 9.43
N MET A 1425 23.09 -46.67 9.11
CA MET A 1425 22.22 -45.75 8.38
C MET A 1425 21.90 -46.26 6.98
N PHE A 1426 22.87 -46.88 6.32
CA PHE A 1426 22.61 -47.45 4.99
C PHE A 1426 21.58 -48.57 5.07
N ALA A 1427 21.69 -49.44 6.08
CA ALA A 1427 20.72 -50.51 6.25
C ALA A 1427 19.34 -49.96 6.57
N ALA A 1428 19.28 -48.92 7.41
CA ALA A 1428 18.00 -48.31 7.72
C ALA A 1428 17.36 -47.69 6.48
N ALA A 1429 18.16 -47.02 5.66
CA ALA A 1429 17.64 -46.44 4.43
C ALA A 1429 17.15 -47.52 3.47
N GLU A 1430 17.88 -48.62 3.36
CA GLU A 1430 17.44 -49.73 2.53
C GLU A 1430 16.13 -50.32 3.03
N ASN A 1431 16.01 -50.48 4.36
CA ASN A 1431 14.77 -51.01 4.92
C ASN A 1431 13.59 -50.07 4.67
N LYS A 1432 13.80 -48.77 4.83
CA LYS A 1432 12.75 -47.80 4.59
C LYS A 1432 12.62 -47.49 3.11
#